data_5D4K
#
_entry.id   5D4K
#
_cell.length_a   61.258
_cell.length_b   242.434
_cell.length_c   63.046
_cell.angle_alpha   90.000
_cell.angle_beta   114.890
_cell.angle_gamma   90.000
#
_symmetry.space_group_name_H-M   'P 1 21 1'
#
loop_
_entity.id
_entity.type
_entity.pdbx_description
1 polymer 'Polymeric immunoglobulin receptor'
2 branched alpha-L-fucopyranose-(1-6)-2-acetamido-2-deoxy-beta-D-glucopyranose
3 non-polymer 2-acetamido-2-deoxy-beta-D-glucopyranose
4 non-polymer 'SULFATE ION'
5 water water
#
_entity_poly.entity_id   1
_entity_poly.type   'polypeptide(L)'
_entity_poly.pdbx_seq_one_letter_code
;KSPIFGPEEVNSVEGNSVSITCYYPPTSVNRHTRKYWCRQGARGGCITLISSEGYVSSKYAGRANLTNFPENGTFVVNIA
QLSQDDSGRYKCGLGINSRGLSFDVSLEVSQGPGLLNDTKVYTVDLGRTVTINCPFKTENAQKRKSLYKQIGLYPVLVID
SSGYVNPNYTGRIRLDIQGTGQLLFSVVINQLRLSDAGQYLCQAGDDSNSNKKNADLQVLKPEPELVYEDLRGSVTFHCA
LGPEVANVAKFLCRQSSGENCDVVVNTLGKRAPAFEGRILLNPQDKDGSFSVVITGLRKEDAGRYLCGAHSDGQLQEGSP
IQAWQLFVNEESTIPRSPTVVKGVAGSSVAVLCPYNRKESKSIKYWCLWEGAQNGRCPLLVDSEGWVKAQYEGRLSLLEE
PGNGTFTVILNQLTSRDAGFYWCLTNGDTLWRTTVEIKIIEGEPNLKVPGNVTAVLGETLKVPCHFPCKFSSYEKYWCKW
NNTGCQALPSQDEGPSKAFVNCDENSRLVSLTLNLVTRADEGWYWCGVKQGHFYGETAAVYVAVEERGSWSHPQFEK
;
_entity_poly.pdbx_strand_id   A,B
#
# COMPACT_ATOMS: atom_id res chain seq x y z
N SER A 2 -10.54 30.05 25.15
CA SER A 2 -9.87 29.96 26.45
C SER A 2 -10.87 29.59 27.55
N PRO A 3 -12.00 30.31 27.62
CA PRO A 3 -12.98 30.06 28.68
C PRO A 3 -13.70 28.73 28.57
N ILE A 4 -13.53 28.00 27.46
CA ILE A 4 -14.26 26.76 27.26
C ILE A 4 -13.45 25.55 27.73
N PHE A 5 -14.08 24.66 28.48
CA PHE A 5 -13.43 23.47 29.01
C PHE A 5 -14.09 22.19 28.52
N GLY A 6 -13.28 21.14 28.36
CA GLY A 6 -13.80 19.83 27.98
C GLY A 6 -12.79 18.75 28.26
N PRO A 7 -13.01 17.55 27.71
CA PRO A 7 -12.01 16.47 27.87
C PRO A 7 -10.94 16.61 26.80
N GLU A 8 -9.69 16.70 27.23
CA GLU A 8 -8.61 16.87 26.25
C GLU A 8 -8.27 15.56 25.55
N GLU A 9 -8.29 14.45 26.29
CA GLU A 9 -8.07 13.11 25.68
C GLU A 9 -9.31 12.23 25.86
N VAL A 10 -9.78 11.64 24.77
CA VAL A 10 -10.89 10.66 24.83
C VAL A 10 -10.58 9.45 23.97
N ASN A 11 -10.74 8.26 24.57
CA ASN A 11 -10.44 7.00 23.89
C ASN A 11 -11.64 6.07 23.88
N SER A 12 -11.81 5.29 22.81
CA SER A 12 -12.95 4.39 22.71
C SER A 12 -12.64 3.21 21.82
N VAL A 13 -13.65 2.39 21.59
CA VAL A 13 -13.49 1.24 20.73
C VAL A 13 -14.51 1.28 19.61
N GLU A 14 -14.13 0.77 18.44
CA GLU A 14 -15.03 0.66 17.30
C GLU A 14 -16.30 -0.01 17.79
N GLY A 15 -17.43 0.65 17.60
CA GLY A 15 -18.72 0.12 18.01
C GLY A 15 -19.31 0.78 19.24
N ASN A 16 -18.49 1.11 20.24
CA ASN A 16 -19.00 1.79 21.41
C ASN A 16 -19.52 3.19 21.11
N SER A 17 -19.96 3.88 22.15
CA SER A 17 -20.40 5.24 22.00
C SER A 17 -19.75 6.08 23.09
N VAL A 18 -19.88 7.39 22.95
CA VAL A 18 -19.14 8.37 23.74
C VAL A 18 -19.97 9.61 24.03
N SER A 19 -19.69 10.22 25.16
CA SER A 19 -20.36 11.42 25.60
C SER A 19 -19.37 12.50 26.04
N ILE A 20 -19.15 13.48 25.18
CA ILE A 20 -18.18 14.55 25.45
C ILE A 20 -18.92 15.70 26.10
N THR A 21 -18.45 16.11 27.27
CA THR A 21 -19.05 17.25 27.98
C THR A 21 -18.19 18.48 27.95
N CYS A 22 -18.77 19.58 27.46
CA CYS A 22 -18.07 20.84 27.43
C CYS A 22 -18.75 21.89 28.31
N TYR A 23 -17.93 22.62 29.04
CA TYR A 23 -18.35 23.60 30.03
C TYR A 23 -18.10 24.97 29.43
N TYR A 24 -19.00 25.91 29.71
CA TYR A 24 -18.82 27.28 29.25
C TYR A 24 -19.36 28.24 30.30
N PRO A 25 -18.87 29.49 30.29
CA PRO A 25 -19.39 30.52 31.20
C PRO A 25 -20.90 30.78 30.96
N PRO A 26 -21.76 30.49 31.95
CA PRO A 26 -23.20 30.60 31.63
C PRO A 26 -23.73 32.04 31.53
N THR A 27 -23.02 32.92 30.80
CA THR A 27 -23.49 34.28 30.54
C THR A 27 -24.87 34.23 29.92
N SER A 28 -25.54 35.38 29.89
CA SER A 28 -26.83 35.50 29.23
C SER A 28 -26.70 35.16 27.74
N VAL A 29 -25.66 35.69 27.10
CA VAL A 29 -25.42 35.46 25.68
C VAL A 29 -25.16 33.97 25.45
N ASN A 30 -24.28 33.41 26.26
CA ASN A 30 -23.87 32.02 26.07
C ASN A 30 -24.96 30.99 26.27
N ARG A 31 -26.09 31.38 26.83
CA ARG A 31 -27.07 30.37 27.20
C ARG A 31 -27.68 29.68 25.99
N HIS A 32 -27.93 30.42 24.93
CA HIS A 32 -28.51 29.83 23.73
C HIS A 32 -27.73 30.21 22.48
N THR A 33 -26.52 30.74 22.70
CA THR A 33 -25.58 30.99 21.60
C THR A 33 -25.32 29.66 20.92
N ARG A 34 -24.88 29.72 19.68
CA ARG A 34 -24.55 28.52 18.91
C ARG A 34 -23.50 27.64 19.61
N LYS A 35 -23.89 26.43 19.95
CA LYS A 35 -22.95 25.40 20.36
C LYS A 35 -22.54 24.61 19.12
N TYR A 36 -21.24 24.35 18.98
CA TYR A 36 -20.77 23.51 17.87
C TYR A 36 -19.75 22.47 18.26
N TRP A 37 -19.86 21.37 17.52
CA TRP A 37 -18.88 20.31 17.55
C TRP A 37 -18.36 20.16 16.14
N CYS A 38 -17.07 20.42 15.99
CA CYS A 38 -16.45 20.37 14.68
C CYS A 38 -15.10 19.62 14.66
N ARG A 39 -14.75 19.15 13.47
CA ARG A 39 -13.53 18.40 13.26
C ARG A 39 -12.42 19.21 12.60
N GLN A 40 -11.22 19.14 13.16
CA GLN A 40 -10.09 19.90 12.65
C GLN A 40 -9.55 19.37 11.34
N GLY A 41 -9.42 20.29 10.39
CA GLY A 41 -8.92 19.97 9.08
C GLY A 41 -7.73 20.83 8.67
N ALA A 42 -7.39 20.77 7.39
CA ALA A 42 -6.23 21.46 6.84
C ALA A 42 -6.31 22.95 7.10
N ARG A 43 -5.15 23.59 7.29
CA ARG A 43 -5.04 25.06 7.27
C ARG A 43 -5.87 25.73 8.38
N GLY A 44 -6.03 25.04 9.50
CA GLY A 44 -6.71 25.65 10.64
C GLY A 44 -8.22 25.50 10.58
N GLY A 45 -8.71 24.92 9.48
CA GLY A 45 -10.13 24.78 9.31
C GLY A 45 -10.72 23.85 10.34
N CYS A 46 -11.98 24.09 10.69
CA CYS A 46 -12.69 23.20 11.58
C CYS A 46 -14.12 23.06 11.08
N ILE A 47 -14.47 21.85 10.64
CA ILE A 47 -15.72 21.57 9.95
C ILE A 47 -16.80 21.10 10.89
N THR A 48 -17.88 21.88 10.93
CA THR A 48 -19.01 21.60 11.77
C THR A 48 -19.57 20.20 11.51
N LEU A 49 -19.65 19.42 12.58
CA LEU A 49 -20.23 18.08 12.52
C LEU A 49 -21.61 18.09 13.15
N ILE A 50 -21.77 18.90 14.19
CA ILE A 50 -23.10 19.09 14.73
C ILE A 50 -23.19 20.39 15.52
N SER A 51 -24.32 21.08 15.38
CA SER A 51 -24.55 22.35 16.11
C SER A 51 -25.92 22.44 16.72
N SER A 52 -26.06 23.38 17.64
CA SER A 52 -27.31 23.58 18.39
C SER A 52 -28.38 24.24 17.56
N GLU A 53 -28.04 24.59 16.31
CA GLU A 53 -28.97 25.29 15.41
C GLU A 53 -29.79 24.32 14.58
N GLY A 54 -29.45 23.04 14.64
CA GLY A 54 -30.20 22.03 13.91
C GLY A 54 -29.38 21.36 12.83
N TYR A 55 -28.13 21.80 12.66
CA TYR A 55 -27.25 21.21 11.66
C TYR A 55 -26.67 19.92 12.18
N VAL A 56 -26.81 18.87 11.39
CA VAL A 56 -26.20 17.59 11.67
C VAL A 56 -25.60 17.03 10.37
N SER A 57 -24.28 16.89 10.36
CA SER A 57 -23.56 16.31 9.24
C SER A 57 -24.13 14.92 8.89
N SER A 58 -24.20 14.61 7.60
CA SER A 58 -24.69 13.29 7.17
C SER A 58 -23.85 12.16 7.77
N LYS A 59 -22.61 12.50 8.13
CA LYS A 59 -21.72 11.55 8.76
C LYS A 59 -22.16 11.26 10.19
N TYR A 60 -22.96 12.15 10.77
CA TYR A 60 -23.50 11.94 12.12
C TYR A 60 -25.00 11.60 12.13
N ALA A 61 -25.64 11.64 10.96
CA ALA A 61 -27.06 11.31 10.84
C ALA A 61 -27.45 10.01 11.54
N GLY A 62 -28.30 10.12 12.55
CA GLY A 62 -28.81 8.95 13.27
C GLY A 62 -27.87 8.47 14.33
N ARG A 63 -26.68 9.07 14.34
CA ARG A 63 -25.56 8.56 15.10
C ARG A 63 -25.19 9.38 16.32
N ALA A 64 -25.63 10.64 16.32
CA ALA A 64 -25.14 11.59 17.31
C ALA A 64 -26.21 12.62 17.70
N ASN A 65 -26.07 13.20 18.88
CA ASN A 65 -26.94 14.33 19.26
C ASN A 65 -26.18 15.31 20.15
N LEU A 66 -26.67 16.53 20.22
CA LEU A 66 -26.08 17.56 21.06
C LEU A 66 -27.11 18.19 22.00
N THR A 67 -26.96 17.97 23.31
CA THR A 67 -27.90 18.53 24.28
C THR A 67 -27.28 19.64 25.13
N ASN A 68 -27.94 20.79 25.13
CA ASN A 68 -27.50 21.93 25.94
C ASN A 68 -28.06 21.89 27.38
N PHE A 69 -27.22 22.27 28.34
CA PHE A 69 -27.65 22.50 29.72
C PHE A 69 -27.19 23.89 30.19
N PRO A 70 -28.04 24.92 29.97
CA PRO A 70 -27.70 26.32 30.27
C PRO A 70 -27.63 26.63 31.77
N GLU A 71 -28.33 25.83 32.58
CA GLU A 71 -28.23 25.97 34.04
C GLU A 71 -26.84 25.54 34.50
N ASN A 72 -26.44 24.31 34.18
CA ASN A 72 -25.11 23.81 34.52
C ASN A 72 -24.03 24.73 33.93
N GLY A 73 -24.26 25.20 32.70
CA GLY A 73 -23.23 25.91 31.95
C GLY A 73 -22.47 24.91 31.09
N THR A 74 -23.17 23.86 30.66
CA THR A 74 -22.51 22.82 29.89
C THR A 74 -23.32 22.35 28.69
N PHE A 75 -22.67 21.72 27.72
CA PHE A 75 -23.42 20.94 26.77
C PHE A 75 -22.70 19.65 26.46
N VAL A 76 -23.47 18.69 26.00
CA VAL A 76 -23.01 17.34 25.84
C VAL A 76 -23.26 16.81 24.44
N VAL A 77 -22.15 16.37 23.85
CA VAL A 77 -22.14 15.79 22.54
C VAL A 77 -22.08 14.27 22.69
N ASN A 78 -23.09 13.57 22.15
CA ASN A 78 -23.12 12.12 22.18
C ASN A 78 -22.93 11.56 20.80
N ILE A 79 -21.97 10.64 20.70
CA ILE A 79 -21.63 10.00 19.43
C ILE A 79 -21.60 8.48 19.58
N ALA A 80 -22.28 7.78 18.69
CA ALA A 80 -22.41 6.34 18.77
C ALA A 80 -21.90 5.69 17.50
N GLN A 81 -21.80 4.37 17.53
CA GLN A 81 -21.37 3.60 16.37
C GLN A 81 -20.07 4.17 15.84
N LEU A 82 -19.15 4.35 16.77
CA LEU A 82 -17.86 4.93 16.48
C LEU A 82 -17.06 4.00 15.58
N SER A 83 -16.40 4.62 14.60
CA SER A 83 -15.49 3.94 13.71
C SER A 83 -14.11 4.55 13.88
N GLN A 84 -13.08 3.87 13.37
CA GLN A 84 -11.72 4.39 13.38
C GLN A 84 -11.65 5.70 12.61
N ASP A 85 -12.50 5.80 11.61
CA ASP A 85 -12.69 7.02 10.88
C ASP A 85 -13.03 8.21 11.79
N ASP A 86 -13.47 7.94 13.02
CA ASP A 86 -13.79 9.04 13.93
C ASP A 86 -12.58 9.48 14.72
N SER A 87 -11.48 8.73 14.63
CA SER A 87 -10.25 9.16 15.31
C SER A 87 -9.81 10.48 14.70
N GLY A 88 -9.56 11.46 15.54
CA GLY A 88 -9.19 12.77 15.06
C GLY A 88 -9.13 13.78 16.15
N ARG A 89 -8.88 15.01 15.73
CA ARG A 89 -8.92 16.17 16.59
C ARG A 89 -10.21 16.98 16.34
N TYR A 90 -10.82 17.43 17.43
CA TYR A 90 -12.10 18.12 17.39
C TYR A 90 -12.06 19.40 18.21
N LYS A 91 -12.97 20.31 17.92
CA LYS A 91 -13.22 21.42 18.82
C LYS A 91 -14.68 21.43 19.23
N CYS A 92 -14.90 21.73 20.49
CA CYS A 92 -16.25 22.00 20.98
C CYS A 92 -16.28 23.47 21.38
N GLY A 93 -17.29 24.20 20.94
CA GLY A 93 -17.25 25.62 21.18
C GLY A 93 -18.55 26.36 21.08
N LEU A 94 -18.43 27.67 21.27
CA LEU A 94 -19.52 28.63 21.24
C LEU A 94 -19.33 29.61 20.10
N GLY A 95 -20.43 30.02 19.47
CA GLY A 95 -20.36 30.95 18.38
C GLY A 95 -20.08 30.27 17.05
N ILE A 96 -19.17 30.86 16.27
CA ILE A 96 -18.76 30.25 15.01
C ILE A 96 -17.38 29.63 15.05
N ASN A 97 -17.25 28.47 14.41
CA ASN A 97 -16.05 27.64 14.50
C ASN A 97 -14.79 28.48 14.35
N SER A 98 -14.82 29.40 13.38
CA SER A 98 -13.65 30.19 13.03
C SER A 98 -13.19 31.07 14.19
N ARG A 99 -14.13 31.66 14.92
CA ARG A 99 -13.81 32.51 16.05
C ARG A 99 -13.11 31.73 17.16
N GLY A 100 -12.73 32.42 18.22
CA GLY A 100 -11.93 31.83 19.26
C GLY A 100 -12.57 30.82 20.20
N LEU A 101 -13.83 31.05 20.60
CA LEU A 101 -14.35 30.40 21.81
C LEU A 101 -14.59 28.90 21.68
N SER A 102 -13.56 28.13 22.01
CA SER A 102 -13.61 26.69 21.85
C SER A 102 -12.60 25.99 22.73
N PHE A 103 -12.78 24.66 22.81
CA PHE A 103 -11.88 23.79 23.50
C PHE A 103 -11.51 22.64 22.59
N ASP A 104 -10.25 22.23 22.70
CA ASP A 104 -9.58 21.31 21.79
C ASP A 104 -9.63 19.87 22.35
N VAL A 105 -10.35 18.99 21.65
CA VAL A 105 -10.56 17.63 22.11
C VAL A 105 -9.89 16.62 21.18
N SER A 106 -9.25 15.63 21.78
CA SER A 106 -8.68 14.51 21.05
C SER A 106 -9.63 13.34 21.15
N LEU A 107 -9.89 12.67 20.04
CA LEU A 107 -10.71 11.47 20.07
C LEU A 107 -10.02 10.33 19.31
N GLU A 108 -9.67 9.26 20.02
CA GLU A 108 -9.11 8.07 19.40
C GLU A 108 -10.07 6.86 19.50
N VAL A 109 -10.20 6.11 18.41
CA VAL A 109 -11.05 4.92 18.33
C VAL A 109 -10.26 3.66 17.88
N SER A 110 -10.00 2.74 18.79
CA SER A 110 -9.30 1.49 18.47
C SER A 110 -10.22 0.36 17.96
N GLN A 111 -9.63 -0.68 17.37
CA GLN A 111 -10.39 -1.77 16.69
C GLN A 111 -11.00 -2.75 17.70
N GLY A 112 -10.23 -3.04 18.74
CA GLY A 112 -10.72 -3.74 19.91
C GLY A 112 -10.15 -2.93 21.07
N PRO A 113 -10.20 -3.47 22.30
CA PRO A 113 -9.37 -2.87 23.35
C PRO A 113 -7.90 -2.95 22.98
N LEU A 116 -6.17 1.78 22.95
CA LEU A 116 -5.61 1.53 24.27
C LEU A 116 -4.62 2.58 24.76
N ASN A 117 -4.49 2.65 26.08
CA ASN A 117 -3.55 3.52 26.79
C ASN A 117 -3.98 4.98 26.75
N ASP A 118 -3.11 5.83 27.30
CA ASP A 118 -3.20 7.27 27.11
C ASP A 118 -2.81 7.53 25.66
N THR A 119 -3.75 8.06 24.87
CA THR A 119 -3.50 8.33 23.47
C THR A 119 -3.98 9.69 23.05
N LYS A 120 -3.07 10.46 22.46
CA LYS A 120 -3.41 11.77 21.91
C LYS A 120 -3.31 11.72 20.40
N VAL A 121 -4.18 12.47 19.74
CA VAL A 121 -4.15 12.59 18.30
C VAL A 121 -3.50 13.93 17.95
N TYR A 122 -2.64 13.91 16.93
CA TYR A 122 -2.08 15.12 16.38
C TYR A 122 -2.55 15.20 14.94
N THR A 123 -2.91 16.40 14.54
CA THR A 123 -3.40 16.66 13.21
C THR A 123 -2.68 17.89 12.71
N VAL A 124 -1.95 17.71 11.62
CA VAL A 124 -0.96 18.66 11.17
C VAL A 124 -0.99 18.73 9.64
N ASP A 125 -0.72 19.89 9.05
CA ASP A 125 -0.65 19.95 7.59
C ASP A 125 0.67 19.36 7.09
N LEU A 126 0.63 18.85 5.85
CA LEU A 126 1.83 18.57 5.08
C LEU A 126 2.86 19.66 5.22
N GLY A 127 4.12 19.24 5.34
CA GLY A 127 5.26 20.14 5.34
C GLY A 127 5.54 20.86 6.66
N ARG A 128 4.63 20.68 7.62
CA ARG A 128 4.70 21.41 8.88
C ARG A 128 5.29 20.57 9.97
N THR A 129 5.33 21.15 11.17
CA THR A 129 6.05 20.58 12.31
C THR A 129 5.07 20.01 13.32
N VAL A 130 5.45 18.91 13.97
CA VAL A 130 4.69 18.43 15.11
C VAL A 130 5.61 18.26 16.31
N THR A 131 5.06 18.51 17.49
CA THR A 131 5.72 18.29 18.76
C THR A 131 4.98 17.26 19.57
N ILE A 132 5.57 16.07 19.68
CA ILE A 132 5.01 15.01 20.50
C ILE A 132 5.60 15.06 21.90
N ASN A 133 4.73 15.31 22.87
CA ASN A 133 5.17 15.30 24.24
C ASN A 133 5.02 13.90 24.84
N CYS A 134 6.08 13.49 25.54
CA CYS A 134 6.28 12.13 25.99
C CYS A 134 6.55 12.16 27.49
N PRO A 135 5.52 11.93 28.30
CA PRO A 135 5.60 12.03 29.75
C PRO A 135 6.13 10.76 30.41
N PHE A 136 6.86 10.89 31.50
CA PHE A 136 7.41 9.73 32.23
C PHE A 136 7.39 10.01 33.72
N LYS A 137 7.65 8.98 34.53
CA LYS A 137 7.69 9.11 35.99
C LYS A 137 9.12 9.32 36.44
N THR A 138 9.31 9.82 37.66
CA THR A 138 10.65 10.07 38.18
C THR A 138 11.54 8.83 38.09
N GLU A 139 11.01 7.64 38.32
CA GLU A 139 11.88 6.48 38.37
C GLU A 139 12.51 6.17 37.02
N ASN A 140 11.98 6.80 35.96
CA ASN A 140 12.48 6.58 34.60
C ASN A 140 13.10 7.85 34.01
N ALA A 141 13.24 8.89 34.83
CA ALA A 141 13.68 10.18 34.32
C ALA A 141 15.11 10.16 33.73
N GLN A 142 15.95 9.21 34.13
CA GLN A 142 17.32 9.18 33.60
C GLN A 142 17.60 7.93 32.77
N LYS A 143 16.54 7.20 32.41
CA LYS A 143 16.67 6.06 31.52
C LYS A 143 16.47 6.52 30.08
N ARG A 144 16.61 5.58 29.14
CA ARG A 144 16.57 5.88 27.70
C ARG A 144 15.23 6.42 27.28
N LYS A 145 15.23 7.57 26.59
CA LYS A 145 14.01 8.08 25.95
C LYS A 145 13.91 7.67 24.46
N SER A 146 12.76 7.12 24.06
CA SER A 146 12.56 6.64 22.69
C SER A 146 11.22 6.99 22.05
N LEU A 147 11.24 7.07 20.72
CA LEU A 147 10.03 7.17 19.93
C LEU A 147 9.99 6.06 18.90
N TYR A 148 8.91 5.29 18.88
CA TYR A 148 8.75 4.22 17.89
C TYR A 148 7.60 4.54 16.94
N LYS A 149 7.63 3.94 15.76
CA LYS A 149 6.48 3.98 14.85
C LYS A 149 6.10 2.54 14.53
N GLN A 150 4.79 2.26 14.52
CA GLN A 150 4.30 0.94 14.11
C GLN A 150 4.36 0.83 12.60
N ILE A 151 5.37 0.11 12.15
CA ILE A 151 5.63 -0.12 10.74
C ILE A 151 5.51 -1.62 10.47
N GLY A 152 4.39 -2.04 9.89
CA GLY A 152 4.19 -3.44 9.62
C GLY A 152 3.86 -4.22 10.87
N LEU A 153 3.09 -3.60 11.78
CA LEU A 153 2.78 -4.25 13.06
C LEU A 153 4.02 -4.55 13.87
N TYR A 154 5.06 -3.77 13.61
CA TYR A 154 6.35 -3.92 14.26
C TYR A 154 6.75 -2.52 14.77
N PRO A 155 7.10 -2.39 16.07
CA PRO A 155 7.54 -1.05 16.45
C PRO A 155 8.97 -0.81 15.98
N VAL A 156 9.16 0.25 15.19
CA VAL A 156 10.43 0.59 14.63
C VAL A 156 10.93 1.86 15.31
N LEU A 157 12.20 1.86 15.69
CA LEU A 157 12.79 3.01 16.36
C LEU A 157 12.93 4.18 15.40
N VAL A 158 12.40 5.33 15.82
CA VAL A 158 12.53 6.55 15.06
C VAL A 158 13.69 7.40 15.60
N ILE A 159 13.72 7.58 16.92
CA ILE A 159 14.78 8.32 17.57
C ILE A 159 14.95 7.90 19.03
N ASP A 160 16.22 7.87 19.45
CA ASP A 160 16.72 7.42 20.75
C ASP A 160 17.47 8.53 21.45
N SER A 161 17.48 8.51 22.77
CA SER A 161 18.40 9.37 23.54
C SER A 161 19.85 8.83 23.46
N SER A 162 20.04 7.67 22.86
CA SER A 162 21.39 7.11 22.67
C SER A 162 22.03 7.56 21.35
N GLY A 163 21.27 8.32 20.55
CA GLY A 163 21.82 8.91 19.34
C GLY A 163 21.36 8.30 18.02
N TYR A 164 20.67 7.14 18.04
CA TYR A 164 20.07 6.57 16.83
C TYR A 164 18.97 7.48 16.31
N VAL A 165 19.05 7.77 15.03
CA VAL A 165 17.98 8.39 14.30
C VAL A 165 17.70 7.58 13.05
N ASN A 166 16.45 7.16 12.91
CA ASN A 166 15.96 6.44 11.74
C ASN A 166 16.23 7.19 10.44
N PRO A 167 16.79 6.51 9.43
CA PRO A 167 17.24 7.12 8.16
C PRO A 167 16.22 8.00 7.46
N ASN A 168 14.94 7.70 7.60
CA ASN A 168 13.90 8.48 6.93
C ASN A 168 13.57 9.78 7.63
N TYR A 169 14.20 10.02 8.79
CA TYR A 169 13.90 11.21 9.61
C TYR A 169 15.09 12.12 9.85
N THR A 170 16.30 11.68 9.50
CA THR A 170 17.53 12.43 9.79
C THR A 170 17.40 13.88 9.28
N GLY A 171 17.91 14.82 10.07
CA GLY A 171 17.89 16.23 9.71
C GLY A 171 16.59 16.97 9.99
N ARG A 172 15.53 16.26 10.38
CA ARG A 172 14.24 16.92 10.55
C ARG A 172 13.53 16.41 11.80
N ILE A 173 14.32 15.84 12.70
CA ILE A 173 13.81 15.37 13.96
C ILE A 173 14.79 15.70 15.10
N ARG A 174 14.26 16.18 16.21
CA ARG A 174 15.08 16.28 17.42
C ARG A 174 14.28 15.87 18.62
N LEU A 175 15.03 15.35 19.58
CA LEU A 175 14.54 14.93 20.86
C LEU A 175 14.88 16.04 21.87
N ASP A 176 13.87 16.79 22.30
CA ASP A 176 14.08 17.92 23.21
C ASP A 176 13.80 17.56 24.65
N ILE A 177 14.88 17.48 25.42
CA ILE A 177 14.82 17.23 26.87
C ILE A 177 14.46 18.53 27.60
N GLN A 178 13.38 18.51 28.38
CA GLN A 178 12.93 19.73 29.07
C GLN A 178 13.86 20.05 30.22
N GLY A 179 14.00 21.36 30.50
CA GLY A 179 14.78 21.78 31.65
C GLY A 179 13.91 21.79 32.89
N THR A 180 14.46 22.31 33.98
CA THR A 180 13.72 22.46 35.24
C THR A 180 13.00 21.18 35.72
N GLY A 181 13.60 20.03 35.45
CA GLY A 181 13.16 18.76 35.99
C GLY A 181 11.74 18.32 35.66
N GLN A 182 11.13 18.97 34.67
CA GLN A 182 9.80 18.56 34.21
C GLN A 182 9.83 17.12 33.72
N LEU A 183 8.74 16.40 33.96
CA LEU A 183 8.77 14.97 33.73
C LEU A 183 8.19 14.57 32.35
N LEU A 184 8.87 15.03 31.32
CA LEU A 184 8.48 14.73 29.96
C LEU A 184 9.64 15.11 29.06
N PHE A 185 9.67 14.50 27.89
CA PHE A 185 10.56 14.97 26.83
C PHE A 185 9.70 15.16 25.63
N SER A 186 10.21 15.86 24.64
CA SER A 186 9.45 16.15 23.44
C SER A 186 10.20 15.63 22.23
N VAL A 187 9.45 15.22 21.21
CA VAL A 187 10.06 14.94 19.92
C VAL A 187 9.43 15.87 18.90
N VAL A 188 10.31 16.63 18.28
CA VAL A 188 9.90 17.61 17.29
C VAL A 188 10.28 17.12 15.92
N ILE A 189 9.27 16.98 15.07
CA ILE A 189 9.45 16.50 13.70
C ILE A 189 9.02 17.58 12.69
N ASN A 190 9.92 17.85 11.74
CA ASN A 190 9.75 18.90 10.74
C ASN A 190 9.45 18.35 9.38
N GLN A 191 8.91 19.21 8.51
CA GLN A 191 8.66 18.86 7.12
C GLN A 191 7.89 17.54 7.06
N LEU A 192 6.71 17.51 7.67
CA LEU A 192 5.97 16.25 7.75
C LEU A 192 5.53 15.81 6.36
N ARG A 193 5.71 14.51 6.14
CA ARG A 193 5.30 13.85 4.91
C ARG A 193 3.99 13.10 5.16
N LEU A 194 3.28 12.78 4.09
CA LEU A 194 2.12 11.91 4.20
C LEU A 194 2.53 10.60 4.79
N SER A 195 3.69 10.09 4.38
CA SER A 195 4.14 8.81 4.86
C SER A 195 4.41 8.81 6.37
N ASP A 196 4.53 9.99 6.98
CA ASP A 196 4.86 10.05 8.41
C ASP A 196 3.67 9.70 9.28
N ALA A 197 2.48 9.73 8.70
CA ALA A 197 1.27 9.47 9.47
C ALA A 197 1.25 8.05 10.01
N GLY A 198 0.64 7.89 11.17
CA GLY A 198 0.57 6.57 11.77
C GLY A 198 0.60 6.56 13.28
N GLN A 199 0.87 5.38 13.80
CA GLN A 199 0.85 5.13 15.22
C GLN A 199 2.27 5.16 15.78
N TYR A 200 2.50 6.09 16.71
CA TYR A 200 3.78 6.28 17.38
C TYR A 200 3.72 5.92 18.86
N LEU A 201 4.85 5.47 19.36
CA LEU A 201 4.94 5.07 20.75
C LEU A 201 6.06 5.85 21.43
N CYS A 202 5.68 6.66 22.43
CA CYS A 202 6.64 7.33 23.28
C CYS A 202 7.01 6.36 24.35
N GLN A 203 8.29 6.34 24.68
CA GLN A 203 8.75 5.48 25.76
C GLN A 203 9.88 6.08 26.59
N ALA A 204 9.74 5.91 27.89
CA ALA A 204 10.77 6.30 28.82
C ALA A 204 11.15 5.06 29.63
N GLY A 205 12.44 4.77 29.66
CA GLY A 205 12.92 3.55 30.28
C GLY A 205 12.79 2.36 29.37
N ASP A 206 13.38 1.24 29.76
CA ASP A 206 13.30 0.01 28.98
C ASP A 206 12.85 -1.16 29.84
N ASP A 207 12.45 -0.87 31.07
CA ASP A 207 12.09 -1.89 32.03
C ASP A 207 10.68 -2.44 31.78
N SER A 208 10.20 -3.25 32.72
CA SER A 208 8.79 -3.55 32.84
C SER A 208 8.14 -2.37 33.57
N ASN A 209 9.02 -1.55 34.15
CA ASN A 209 8.71 -0.27 34.78
C ASN A 209 8.48 0.87 33.78
N SER A 210 8.65 0.58 32.50
CA SER A 210 8.60 1.56 31.41
C SER A 210 7.36 2.51 31.36
N ASN A 211 7.58 3.76 30.98
CA ASN A 211 6.47 4.70 30.75
C ASN A 211 6.18 4.92 29.27
N LYS A 212 4.93 4.68 28.89
CA LYS A 212 4.53 4.65 27.48
C LYS A 212 3.36 5.58 27.16
N LYS A 213 3.41 6.16 25.97
CA LYS A 213 2.27 6.94 25.50
C LYS A 213 2.06 6.66 24.04
N ASN A 214 0.80 6.56 23.62
CA ASN A 214 0.48 6.37 22.22
C ASN A 214 0.20 7.71 21.57
N ALA A 215 0.70 7.90 20.36
CA ALA A 215 0.40 9.10 19.59
C ALA A 215 -0.03 8.73 18.15
N ASP A 216 -1.20 9.25 17.77
CA ASP A 216 -1.80 8.98 16.46
C ASP A 216 -1.55 10.22 15.64
N LEU A 217 -0.63 10.10 14.68
CA LEU A 217 -0.22 11.24 13.89
C LEU A 217 -0.92 11.23 12.54
N GLN A 218 -1.68 12.30 12.30
CA GLN A 218 -2.38 12.52 11.04
C GLN A 218 -1.78 13.71 10.30
N VAL A 219 -1.59 13.56 8.99
CA VAL A 219 -0.88 14.56 8.19
C VAL A 219 -1.74 14.86 6.99
N LEU A 220 -2.26 16.08 6.90
CA LEU A 220 -3.31 16.39 5.95
C LEU A 220 -2.87 17.06 4.68
N LYS A 221 -3.42 16.58 3.55
CA LYS A 221 -3.32 17.30 2.28
C LYS A 221 -4.23 18.54 2.34
N PRO A 222 -3.93 19.56 1.52
CA PRO A 222 -4.78 20.76 1.56
C PRO A 222 -6.05 20.61 0.68
N GLU A 223 -7.10 21.37 1.00
CA GLU A 223 -8.31 21.38 0.17
C GLU A 223 -8.19 22.40 -0.96
N PRO A 224 -8.40 21.95 -2.20
CA PRO A 224 -8.29 22.88 -3.32
C PRO A 224 -9.30 24.00 -3.23
N GLU A 225 -8.85 25.24 -3.40
CA GLU A 225 -9.75 26.36 -3.62
C GLU A 225 -10.24 26.33 -5.07
N LEU A 226 -11.54 26.51 -5.30
CA LEU A 226 -12.07 26.49 -6.67
C LEU A 226 -11.98 27.87 -7.28
N VAL A 227 -11.56 27.91 -8.53
CA VAL A 227 -11.44 29.16 -9.26
C VAL A 227 -12.02 29.05 -10.65
N TYR A 228 -12.85 30.03 -10.94
CA TYR A 228 -13.58 30.09 -12.19
C TYR A 228 -13.14 31.30 -13.01
N GLU A 229 -12.60 31.03 -14.19
CA GLU A 229 -12.11 32.07 -15.07
C GLU A 229 -12.52 31.82 -16.53
N ASP A 230 -12.49 32.89 -17.32
CA ASP A 230 -12.86 32.83 -18.71
C ASP A 230 -11.64 32.69 -19.61
N LEU A 231 -11.80 31.94 -20.69
CA LEU A 231 -10.78 31.80 -21.73
C LEU A 231 -10.16 33.17 -22.07
N ARG A 232 -8.83 33.19 -22.18
CA ARG A 232 -8.06 34.41 -22.48
C ARG A 232 -8.25 35.54 -21.46
N GLY A 233 -8.84 35.20 -20.32
CA GLY A 233 -8.80 36.10 -19.18
C GLY A 233 -7.56 35.79 -18.36
N SER A 234 -7.50 36.31 -17.13
CA SER A 234 -6.37 36.06 -16.27
C SER A 234 -6.80 35.42 -14.96
N VAL A 235 -5.82 34.92 -14.21
CA VAL A 235 -6.02 34.45 -12.84
C VAL A 235 -4.86 34.85 -11.94
N THR A 236 -5.19 35.14 -10.68
CA THR A 236 -4.17 35.37 -9.67
C THR A 236 -4.27 34.32 -8.57
N PHE A 237 -3.15 33.66 -8.32
CA PHE A 237 -3.03 32.75 -7.18
C PHE A 237 -2.30 33.47 -6.07
N HIS A 238 -2.97 33.63 -4.93
CA HIS A 238 -2.32 34.19 -3.74
C HIS A 238 -1.78 33.06 -2.89
N CYS A 239 -0.47 32.86 -2.95
CA CYS A 239 0.19 31.80 -2.21
C CYS A 239 0.55 32.28 -0.82
N ALA A 240 -0.06 31.70 0.20
CA ALA A 240 0.15 32.13 1.57
C ALA A 240 0.61 30.99 2.46
N LEU A 241 1.87 30.62 2.33
CA LEU A 241 2.47 29.66 3.22
C LEU A 241 2.93 30.48 4.41
N GLY A 242 3.64 29.88 5.36
CA GLY A 242 4.01 30.63 6.54
C GLY A 242 4.90 31.84 6.32
N PRO A 243 5.10 32.65 7.38
CA PRO A 243 6.34 33.43 7.47
C PRO A 243 7.46 32.51 7.87
N GLU A 244 7.08 31.33 8.35
CA GLU A 244 8.05 30.37 8.83
C GLU A 244 8.82 29.74 7.68
N VAL A 245 8.34 29.89 6.44
CA VAL A 245 9.06 29.37 5.27
C VAL A 245 9.36 30.48 4.27
N ALA A 246 9.26 31.72 4.70
CA ALA A 246 9.50 32.87 3.83
C ALA A 246 10.86 32.83 3.12
N ASN A 247 11.80 32.07 3.65
CA ASN A 247 13.13 31.98 3.05
C ASN A 247 13.41 30.67 2.32
N VAL A 248 12.39 29.85 2.16
CA VAL A 248 12.51 28.64 1.37
C VAL A 248 12.02 29.00 -0.02
N ALA A 249 12.67 28.44 -1.03
CA ALA A 249 12.28 28.65 -2.43
C ALA A 249 10.85 28.22 -2.63
N LYS A 250 10.13 28.99 -3.44
CA LYS A 250 8.73 28.74 -3.71
C LYS A 250 8.53 28.21 -5.13
N PHE A 251 7.47 27.43 -5.33
CA PHE A 251 7.09 27.03 -6.69
C PHE A 251 5.59 27.07 -6.93
N LEU A 252 5.20 27.40 -8.16
CA LEU A 252 3.85 27.11 -8.64
C LEU A 252 3.97 26.01 -9.67
N CYS A 253 3.18 24.95 -9.48
CA CYS A 253 3.22 23.83 -10.42
C CYS A 253 1.83 23.26 -10.67
N ARG A 254 1.73 22.52 -11.78
CA ARG A 254 0.48 21.96 -12.28
C ARG A 254 0.52 20.45 -12.11
N GLN A 255 -0.53 19.90 -11.53
CA GLN A 255 -0.60 18.47 -11.29
C GLN A 255 -0.87 17.73 -12.59
N SER A 256 -0.32 16.53 -12.68
CA SER A 256 -0.51 15.71 -13.86
C SER A 256 -1.32 14.48 -13.54
N SER A 257 -1.75 13.81 -14.62
CA SER A 257 -2.29 12.47 -14.56
C SER A 257 -1.39 11.58 -13.72
N GLY A 258 -0.09 11.78 -13.85
CA GLY A 258 0.90 11.09 -13.04
C GLY A 258 0.96 11.65 -11.63
N GLU A 259 2.01 11.28 -10.90
CA GLU A 259 2.25 11.83 -9.57
C GLU A 259 3.12 13.07 -9.69
N ASN A 260 3.68 13.29 -10.88
CA ASN A 260 4.44 14.49 -11.17
C ASN A 260 3.64 15.79 -11.12
N CYS A 261 4.30 16.82 -10.61
CA CYS A 261 3.73 18.16 -10.55
C CYS A 261 4.73 19.13 -11.19
N ASP A 262 4.50 19.44 -12.46
CA ASP A 262 5.47 20.18 -13.27
C ASP A 262 5.42 21.69 -13.00
N VAL A 263 6.58 22.27 -12.70
CA VAL A 263 6.68 23.69 -12.33
C VAL A 263 6.27 24.67 -13.43
N VAL A 264 5.31 25.53 -13.12
CA VAL A 264 4.98 26.64 -13.98
C VAL A 264 5.95 27.79 -13.69
N VAL A 265 6.24 28.02 -12.40
CA VAL A 265 7.14 29.12 -12.00
C VAL A 265 7.91 28.82 -10.72
N ASN A 266 9.08 29.45 -10.62
CA ASN A 266 10.05 29.26 -9.56
C ASN A 266 10.64 30.54 -9.07
N THR A 267 11.20 30.50 -7.87
CA THR A 267 12.13 31.52 -7.42
C THR A 267 13.62 31.16 -7.76
N LEU A 268 13.84 30.05 -8.48
CA LEU A 268 15.19 29.68 -8.94
C LEU A 268 15.34 29.78 -10.46
N GLY A 269 14.39 30.43 -11.13
CA GLY A 269 14.54 30.78 -12.54
C GLY A 269 13.65 30.03 -13.51
N LYS A 270 13.08 28.89 -13.09
CA LYS A 270 12.24 28.10 -13.97
C LYS A 270 10.97 28.84 -14.33
N ARG A 271 10.67 28.84 -15.62
CA ARG A 271 9.41 29.36 -16.14
C ARG A 271 9.01 28.51 -17.33
N ALA A 272 7.97 27.69 -17.16
CA ALA A 272 7.61 26.71 -18.19
C ALA A 272 7.24 27.36 -19.53
N PRO A 273 7.68 26.74 -20.66
CA PRO A 273 7.50 27.31 -22.00
C PRO A 273 6.06 27.64 -22.33
N ALA A 274 5.12 26.79 -21.93
CA ALA A 274 3.70 27.06 -22.17
C ALA A 274 3.26 28.43 -21.68
N PHE A 275 3.96 28.95 -20.67
CA PHE A 275 3.55 30.20 -20.03
C PHE A 275 4.45 31.38 -20.34
N GLU A 276 5.39 31.18 -21.28
CA GLU A 276 6.25 32.26 -21.76
C GLU A 276 5.42 33.46 -22.22
N GLY A 277 5.72 34.61 -21.64
CA GLY A 277 5.10 35.87 -22.03
C GLY A 277 3.78 36.19 -21.36
N ARG A 278 3.28 35.28 -20.51
CA ARG A 278 2.01 35.49 -19.83
C ARG A 278 1.95 34.97 -18.39
N ILE A 279 3.10 34.92 -17.73
CA ILE A 279 3.21 34.49 -16.33
C ILE A 279 3.96 35.56 -15.56
N LEU A 280 3.48 35.87 -14.36
CA LEU A 280 4.11 36.90 -13.53
C LEU A 280 4.22 36.42 -12.11
N LEU A 281 5.45 36.38 -11.60
CA LEU A 281 5.72 35.97 -10.23
C LEU A 281 5.98 37.22 -9.39
N ASN A 282 4.99 37.66 -8.63
CA ASN A 282 5.15 38.88 -7.82
C ASN A 282 6.01 38.64 -6.61
N PRO A 283 6.53 39.74 -6.02
CA PRO A 283 7.41 39.61 -4.86
C PRO A 283 6.63 39.18 -3.62
N GLN A 284 7.38 38.77 -2.60
CA GLN A 284 6.82 38.14 -1.41
C GLN A 284 6.63 39.14 -0.25
N ASP A 285 5.56 38.97 0.53
CA ASP A 285 5.28 39.78 1.73
C ASP A 285 6.29 39.60 2.84
N LYS A 286 6.14 40.45 3.85
CA LYS A 286 6.80 40.26 5.13
C LYS A 286 6.14 39.09 5.85
N ASP A 287 4.95 38.73 5.39
CA ASP A 287 4.26 37.52 5.84
C ASP A 287 4.75 36.27 5.12
N GLY A 288 5.59 36.47 4.10
CA GLY A 288 6.11 35.37 3.31
C GLY A 288 5.13 34.97 2.23
N SER A 289 3.99 35.64 2.18
CA SER A 289 2.99 35.35 1.14
C SER A 289 3.30 36.09 -0.16
N PHE A 290 2.96 35.47 -1.29
CA PHE A 290 3.20 36.07 -2.60
C PHE A 290 2.13 35.62 -3.56
N SER A 291 2.02 36.30 -4.71
CA SER A 291 1.01 35.98 -5.72
C SER A 291 1.61 35.66 -7.08
N VAL A 292 0.87 34.92 -7.89
CA VAL A 292 1.29 34.62 -9.26
C VAL A 292 0.15 34.92 -10.21
N VAL A 293 0.45 35.65 -11.28
CA VAL A 293 -0.56 36.08 -12.23
C VAL A 293 -0.37 35.39 -13.57
N ILE A 294 -1.45 34.81 -14.08
CA ILE A 294 -1.43 34.19 -15.40
C ILE A 294 -2.45 34.83 -16.28
N THR A 295 -2.00 35.27 -17.46
CA THR A 295 -2.87 35.93 -18.41
C THR A 295 -3.03 35.09 -19.66
N GLY A 296 -4.06 35.41 -20.44
CA GLY A 296 -4.32 34.77 -21.71
C GLY A 296 -4.59 33.29 -21.60
N LEU A 297 -5.50 32.94 -20.70
CA LEU A 297 -5.77 31.55 -20.36
C LEU A 297 -6.23 30.72 -21.53
N ARG A 298 -5.63 29.54 -21.63
CA ARG A 298 -6.00 28.54 -22.61
C ARG A 298 -6.79 27.44 -21.90
N LYS A 299 -7.66 26.75 -22.63
CA LYS A 299 -8.53 25.73 -22.05
C LYS A 299 -7.63 24.66 -21.40
N GLU A 300 -6.55 24.35 -22.09
CA GLU A 300 -5.51 23.47 -21.55
C GLU A 300 -4.90 23.94 -20.21
N ASP A 301 -5.05 25.21 -19.85
CA ASP A 301 -4.48 25.70 -18.57
C ASP A 301 -5.28 25.26 -17.34
N ALA A 302 -6.43 24.65 -17.52
CA ALA A 302 -7.30 24.35 -16.40
C ALA A 302 -6.86 23.05 -15.75
N GLY A 303 -6.85 23.02 -14.42
CA GLY A 303 -6.47 21.82 -13.72
C GLY A 303 -6.18 22.08 -12.26
N ARG A 304 -5.42 21.18 -11.64
CA ARG A 304 -5.03 21.34 -10.25
C ARG A 304 -3.67 21.99 -10.20
N TYR A 305 -3.60 23.07 -9.42
CA TYR A 305 -2.37 23.82 -9.22
C TYR A 305 -1.98 23.77 -7.76
N LEU A 306 -0.70 23.54 -7.51
CA LEU A 306 -0.17 23.64 -6.17
C LEU A 306 0.84 24.74 -6.12
N CYS A 307 0.82 25.52 -5.06
CA CYS A 307 1.96 26.38 -4.78
C CYS A 307 2.56 25.85 -3.51
N GLY A 308 3.89 25.79 -3.48
CA GLY A 308 4.58 25.16 -2.37
C GLY A 308 5.97 25.71 -2.05
N ALA A 309 6.54 25.21 -0.96
CA ALA A 309 7.88 25.64 -0.56
C ALA A 309 8.84 24.47 -0.41
N HIS A 310 9.92 24.48 -1.19
CA HIS A 310 10.94 23.47 -1.02
C HIS A 310 12.25 24.01 -1.58
N SER A 311 13.36 23.66 -0.94
CA SER A 311 14.66 24.31 -1.18
C SER A 311 15.12 24.28 -2.63
N ASP A 312 14.73 23.24 -3.36
CA ASP A 312 15.12 23.10 -4.77
C ASP A 312 14.12 23.70 -5.75
N GLY A 313 13.07 24.35 -5.29
CA GLY A 313 12.04 24.85 -6.20
C GLY A 313 11.17 23.81 -6.91
N GLN A 314 11.15 22.59 -6.37
CA GLN A 314 10.35 21.53 -6.95
C GLN A 314 9.50 20.90 -5.85
N LEU A 315 8.34 20.36 -6.23
CA LEU A 315 7.51 19.63 -5.29
C LEU A 315 8.21 18.37 -4.86
N GLN A 316 8.23 18.14 -3.55
CA GLN A 316 8.84 16.97 -2.96
C GLN A 316 8.05 16.57 -1.74
N GLU A 317 8.21 15.34 -1.30
CA GLU A 317 7.67 14.90 -0.04
C GLU A 317 8.01 15.88 1.08
N GLY A 318 7.09 16.08 2.01
CA GLY A 318 7.39 16.87 3.19
C GLY A 318 7.46 18.35 2.90
N SER A 319 6.94 18.73 1.75
CA SER A 319 6.89 20.11 1.32
C SER A 319 5.52 20.71 1.70
N PRO A 320 5.51 21.89 2.35
CA PRO A 320 4.18 22.53 2.53
C PRO A 320 3.64 23.07 1.24
N ILE A 321 2.31 22.96 1.10
CA ILE A 321 1.60 23.27 -0.14
C ILE A 321 0.21 23.80 0.06
N GLN A 322 -0.27 24.42 -1.01
CA GLN A 322 -1.57 25.04 -1.10
C GLN A 322 -2.12 24.68 -2.47
N ALA A 323 -3.44 24.51 -2.61
CA ALA A 323 -4.05 23.98 -3.84
C ALA A 323 -5.22 24.80 -4.39
N TRP A 324 -5.28 24.83 -5.72
CA TRP A 324 -6.42 25.42 -6.42
C TRP A 324 -6.87 24.50 -7.54
N GLN A 325 -8.17 24.54 -7.83
CA GLN A 325 -8.70 23.91 -9.04
C GLN A 325 -9.20 25.02 -9.95
N LEU A 326 -8.62 25.10 -11.15
CA LEU A 326 -8.93 26.15 -12.09
C LEU A 326 -9.86 25.67 -13.21
N PHE A 327 -10.85 26.50 -13.52
CA PHE A 327 -11.77 26.25 -14.61
C PHE A 327 -11.68 27.40 -15.61
N VAL A 328 -11.50 27.04 -16.88
CA VAL A 328 -11.43 28.00 -17.97
C VAL A 328 -12.62 27.79 -18.90
N ASN A 329 -13.55 28.74 -18.91
CA ASN A 329 -14.80 28.55 -19.65
C ASN A 329 -15.08 29.58 -20.75
N GLU A 330 -15.64 29.08 -21.86
CA GLU A 330 -16.01 29.92 -23.00
C GLU A 330 -16.99 31.03 -22.64
N GLU A 331 -16.76 32.21 -23.22
CA GLU A 331 -17.65 33.34 -23.09
C GLU A 331 -18.88 33.13 -23.97
N SER A 332 -20.01 32.78 -23.34
CA SER A 332 -21.21 32.43 -24.07
C SER A 332 -22.05 33.65 -24.43
N THR A 333 -22.17 33.90 -25.74
CA THR A 333 -23.10 34.88 -26.27
C THR A 333 -22.99 36.24 -25.57
N ARG A 336 -25.61 37.08 -21.72
CA ARG A 336 -26.81 37.11 -20.91
C ARG A 336 -26.58 37.93 -19.64
N SER A 337 -27.65 38.55 -19.14
CA SER A 337 -27.57 39.41 -17.96
C SER A 337 -28.09 38.67 -16.72
N PRO A 338 -27.61 39.05 -15.52
CA PRO A 338 -28.00 38.35 -14.30
C PRO A 338 -29.43 38.62 -13.88
N THR A 339 -30.25 37.58 -13.75
CA THR A 339 -31.59 37.73 -13.21
C THR A 339 -31.51 38.43 -11.84
N VAL A 340 -32.45 39.33 -11.58
CA VAL A 340 -32.42 40.16 -10.39
C VAL A 340 -33.59 39.83 -9.47
N VAL A 341 -33.31 39.77 -8.18
CA VAL A 341 -34.32 39.47 -7.17
C VAL A 341 -34.20 40.52 -6.07
N LYS A 342 -35.35 41.08 -5.70
CA LYS A 342 -35.41 42.10 -4.65
C LYS A 342 -36.01 41.47 -3.40
N GLY A 343 -35.46 41.81 -2.25
CA GLY A 343 -36.03 41.40 -0.97
C GLY A 343 -35.89 42.55 0.00
N VAL A 344 -36.49 42.44 1.18
CA VAL A 344 -36.41 43.51 2.16
C VAL A 344 -35.94 42.96 3.50
N ALA A 345 -35.21 43.77 4.26
CA ALA A 345 -34.66 43.35 5.54
C ALA A 345 -35.69 42.62 6.40
N GLY A 346 -35.22 41.60 7.12
CA GLY A 346 -36.09 40.84 8.00
C GLY A 346 -37.10 39.93 7.29
N SER A 347 -37.02 39.86 5.96
CA SER A 347 -37.90 39.01 5.16
C SER A 347 -37.05 38.00 4.39
N SER A 348 -37.46 37.67 3.16
CA SER A 348 -36.86 36.53 2.49
C SER A 348 -36.95 36.59 0.96
N VAL A 349 -36.22 35.70 0.32
CA VAL A 349 -36.36 35.50 -1.12
C VAL A 349 -36.54 34.02 -1.40
N ALA A 350 -37.14 33.72 -2.55
CA ALA A 350 -37.27 32.36 -2.99
C ALA A 350 -36.76 32.34 -4.44
N VAL A 351 -35.48 32.03 -4.59
CA VAL A 351 -34.83 32.13 -5.89
C VAL A 351 -34.94 30.83 -6.65
N LEU A 352 -35.40 30.92 -7.89
CA LEU A 352 -35.53 29.76 -8.75
C LEU A 352 -34.25 29.55 -9.55
N CYS A 353 -33.70 28.36 -9.42
CA CYS A 353 -32.46 27.98 -10.09
C CYS A 353 -32.76 26.93 -11.17
N PRO A 354 -32.51 27.28 -12.43
CA PRO A 354 -32.78 26.32 -13.48
C PRO A 354 -31.55 25.46 -13.73
N TYR A 355 -31.79 24.17 -13.95
CA TYR A 355 -30.73 23.23 -14.29
C TYR A 355 -31.24 22.39 -15.43
N ASN A 356 -30.32 21.75 -16.13
CA ASN A 356 -30.69 20.99 -17.31
C ASN A 356 -31.34 19.64 -16.94
N ARG A 357 -32.59 19.48 -17.36
CA ARG A 357 -33.45 18.36 -16.95
C ARG A 357 -32.76 17.00 -16.88
N LYS A 358 -31.72 16.81 -17.68
CA LYS A 358 -31.04 15.53 -17.73
C LYS A 358 -30.08 15.40 -16.55
N GLU A 359 -29.56 16.55 -16.10
CA GLU A 359 -28.74 16.63 -14.88
C GLU A 359 -29.61 16.62 -13.61
N SER A 360 -30.72 15.88 -13.63
CA SER A 360 -31.69 15.99 -12.54
C SER A 360 -31.21 15.47 -11.18
N LYS A 361 -30.52 14.34 -11.14
CA LYS A 361 -30.04 13.80 -9.87
C LYS A 361 -28.60 14.24 -9.58
N SER A 362 -28.09 15.17 -10.38
CA SER A 362 -26.81 15.79 -10.07
C SER A 362 -26.95 16.60 -8.76
N ILE A 363 -25.84 17.09 -8.24
CA ILE A 363 -25.86 17.95 -7.06
C ILE A 363 -26.03 19.40 -7.47
N LYS A 364 -26.94 20.09 -6.77
CA LYS A 364 -27.17 21.51 -6.99
C LYS A 364 -26.41 22.30 -5.96
N TYR A 365 -25.97 23.50 -6.32
CA TYR A 365 -25.23 24.38 -5.41
C TYR A 365 -25.76 25.78 -5.52
N TRP A 366 -25.71 26.48 -4.39
CA TRP A 366 -25.97 27.92 -4.33
C TRP A 366 -24.76 28.56 -3.70
N CYS A 367 -24.12 29.48 -4.41
CA CYS A 367 -22.93 30.10 -3.84
C CYS A 367 -22.80 31.59 -4.13
N LEU A 368 -22.04 32.27 -3.29
CA LEU A 368 -21.80 33.69 -3.46
C LEU A 368 -20.66 33.93 -4.45
N TRP A 369 -20.95 34.59 -5.57
CA TRP A 369 -19.94 34.87 -6.58
C TRP A 369 -19.25 36.17 -6.21
N GLU A 370 -17.95 36.26 -6.50
CA GLU A 370 -17.15 37.41 -6.05
C GLU A 370 -16.40 38.17 -7.15
N GLY A 371 -16.77 38.00 -8.42
CA GLY A 371 -16.14 38.72 -9.51
C GLY A 371 -14.95 38.02 -10.13
N ALA A 372 -14.76 38.23 -11.44
CA ALA A 372 -13.82 37.45 -12.26
C ALA A 372 -12.36 37.41 -11.72
N GLN A 373 -11.86 38.52 -11.17
CA GLN A 373 -10.47 38.54 -10.67
C GLN A 373 -10.30 37.71 -9.41
N ASN A 374 -11.26 37.81 -8.51
CA ASN A 374 -11.29 36.97 -7.32
C ASN A 374 -11.28 35.51 -7.81
N GLY A 375 -12.24 35.20 -8.69
CA GLY A 375 -12.32 33.90 -9.34
C GLY A 375 -13.08 32.86 -8.53
N ARG A 376 -13.33 33.18 -7.26
CA ARG A 376 -13.89 32.22 -6.31
C ARG A 376 -15.37 32.44 -6.07
N CYS A 377 -16.08 31.34 -5.91
CA CYS A 377 -17.51 31.35 -5.61
C CYS A 377 -17.74 30.43 -4.40
N PRO A 378 -17.42 30.93 -3.20
CA PRO A 378 -17.51 30.13 -1.96
C PRO A 378 -18.93 29.68 -1.67
N LEU A 379 -19.10 28.39 -1.43
CA LEU A 379 -20.42 27.79 -1.22
C LEU A 379 -21.11 28.24 0.06
N LEU A 380 -22.43 28.30 -0.04
CA LEU A 380 -23.30 28.62 1.08
C LEU A 380 -24.15 27.40 1.44
N VAL A 381 -24.60 26.68 0.42
CA VAL A 381 -25.50 25.55 0.62
C VAL A 381 -25.49 24.67 -0.63
N ASP A 382 -25.74 23.37 -0.42
CA ASP A 382 -25.91 22.44 -1.54
C ASP A 382 -27.07 21.50 -1.28
N SER A 383 -27.32 20.59 -2.22
CA SER A 383 -28.45 19.68 -2.11
C SER A 383 -28.13 18.39 -1.36
N GLU A 384 -27.05 18.37 -0.58
CA GLU A 384 -26.64 17.15 0.10
C GLU A 384 -26.56 17.36 1.61
N GLY A 385 -27.05 18.49 2.09
CA GLY A 385 -27.21 18.68 3.53
C GLY A 385 -26.14 19.58 4.08
N TRP A 386 -25.34 20.16 3.20
CA TRP A 386 -24.33 21.08 3.67
C TRP A 386 -24.90 22.50 3.74
N VAL A 387 -24.43 23.25 4.72
CA VAL A 387 -24.74 24.65 4.87
C VAL A 387 -23.53 25.30 5.52
N LYS A 388 -23.15 26.48 5.03
CA LYS A 388 -22.12 27.25 5.70
C LYS A 388 -22.65 27.55 7.11
N ALA A 389 -21.76 27.58 8.10
CA ALA A 389 -22.17 27.78 9.48
C ALA A 389 -23.00 29.05 9.66
N GLN A 390 -22.52 30.16 9.12
CA GLN A 390 -23.21 31.44 9.28
C GLN A 390 -24.67 31.43 8.81
N TYR A 391 -25.05 30.41 8.05
CA TYR A 391 -26.36 30.36 7.44
C TYR A 391 -27.29 29.30 7.98
N GLU A 392 -26.93 28.72 9.11
CA GLU A 392 -27.78 27.75 9.76
C GLU A 392 -29.08 28.44 10.26
N GLY A 393 -30.22 27.92 9.81
CA GLY A 393 -31.51 28.39 10.25
C GLY A 393 -32.10 29.46 9.37
N ARG A 394 -31.41 29.80 8.28
CA ARG A 394 -31.89 30.86 7.40
C ARG A 394 -31.72 30.55 5.92
N LEU A 395 -31.29 29.34 5.59
CA LEU A 395 -30.98 29.00 4.20
C LEU A 395 -31.29 27.53 3.89
N SER A 396 -32.03 27.28 2.82
CA SER A 396 -32.28 25.93 2.36
C SER A 396 -32.32 25.83 0.84
N LEU A 397 -32.04 24.64 0.34
CA LEU A 397 -32.12 24.36 -1.08
C LEU A 397 -33.11 23.22 -1.31
N LEU A 398 -34.20 23.50 -2.00
CA LEU A 398 -35.26 22.53 -2.17
C LEU A 398 -35.25 22.00 -3.59
N GLU A 399 -35.58 20.73 -3.77
CA GLU A 399 -35.67 20.16 -5.12
C GLU A 399 -36.92 20.59 -5.86
N GLU A 400 -37.86 21.20 -5.16
CA GLU A 400 -39.06 21.73 -5.77
C GLU A 400 -38.75 23.08 -6.41
N PRO A 401 -39.44 23.42 -7.50
CA PRO A 401 -40.56 22.69 -8.11
C PRO A 401 -40.14 21.45 -8.88
N GLY A 402 -38.85 21.32 -9.17
CA GLY A 402 -38.36 20.14 -9.84
C GLY A 402 -38.45 20.24 -11.36
N ASN A 403 -38.09 19.13 -12.03
CA ASN A 403 -38.06 19.02 -13.48
C ASN A 403 -37.41 20.24 -14.15
N GLY A 404 -36.15 20.47 -13.80
CA GLY A 404 -35.37 21.52 -14.45
C GLY A 404 -35.22 22.77 -13.61
N THR A 405 -35.81 22.75 -12.42
CA THR A 405 -35.70 23.89 -11.52
C THR A 405 -35.66 23.43 -10.08
N PHE A 406 -34.86 24.13 -9.27
CA PHE A 406 -34.84 23.89 -7.83
C PHE A 406 -34.89 25.27 -7.14
N THR A 407 -35.33 25.30 -5.87
CA THR A 407 -35.51 26.56 -5.16
C THR A 407 -34.50 26.79 -4.03
N VAL A 408 -34.00 28.01 -3.97
CA VAL A 408 -33.21 28.45 -2.83
C VAL A 408 -33.98 29.47 -2.02
N ILE A 409 -34.22 29.11 -0.76
CA ILE A 409 -34.87 29.96 0.21
C ILE A 409 -33.88 30.52 1.19
N LEU A 410 -33.73 31.84 1.16
CA LEU A 410 -32.90 32.58 2.12
C LEU A 410 -33.78 33.62 2.86
N ASN A 411 -33.77 33.58 4.18
CA ASN A 411 -34.56 34.52 4.96
C ASN A 411 -33.74 35.16 6.09
N GLN A 412 -34.40 35.93 6.95
CA GLN A 412 -33.70 36.78 7.90
C GLN A 412 -32.76 37.72 7.17
N LEU A 413 -33.27 38.39 6.15
CA LEU A 413 -32.43 39.23 5.29
C LEU A 413 -31.91 40.50 5.98
N THR A 414 -30.77 40.97 5.49
CA THR A 414 -30.21 42.29 5.82
C THR A 414 -29.53 42.86 4.57
N SER A 415 -29.01 44.08 4.69
CA SER A 415 -28.30 44.73 3.57
C SER A 415 -27.07 43.94 3.14
N ARG A 416 -26.44 43.29 4.10
CA ARG A 416 -25.24 42.49 3.84
C ARG A 416 -25.43 41.48 2.72
N ASP A 417 -26.65 40.94 2.59
CA ASP A 417 -26.90 39.84 1.67
C ASP A 417 -26.96 40.32 0.23
N ALA A 418 -26.93 41.63 0.05
CA ALA A 418 -26.90 42.20 -1.29
C ALA A 418 -25.68 41.70 -2.05
N GLY A 419 -25.86 41.23 -3.29
CA GLY A 419 -24.72 40.73 -4.03
C GLY A 419 -25.04 39.72 -5.12
N PHE A 420 -24.00 39.12 -5.70
CA PHE A 420 -24.16 38.20 -6.82
C PHE A 420 -23.96 36.76 -6.42
N TYR A 421 -24.87 35.92 -6.88
CA TYR A 421 -24.89 34.52 -6.51
C TYR A 421 -24.95 33.66 -7.76
N TRP A 422 -24.40 32.45 -7.65
CA TRP A 422 -24.57 31.45 -8.68
C TRP A 422 -25.45 30.31 -8.21
N CYS A 423 -26.34 29.91 -9.12
CA CYS A 423 -26.91 28.59 -9.16
C CYS A 423 -25.94 27.69 -9.94
N LEU A 424 -25.56 26.56 -9.35
CA LEU A 424 -24.64 25.59 -9.97
C LEU A 424 -25.16 24.17 -9.92
N THR A 425 -24.68 23.35 -10.85
CA THR A 425 -25.08 21.96 -10.92
C THR A 425 -23.84 21.12 -11.22
N ASN A 426 -23.99 20.09 -12.05
CA ASN A 426 -22.87 19.32 -12.58
C ASN A 426 -23.15 18.83 -14.00
N ARG A 432 -23.36 28.46 -13.75
CA ARG A 432 -24.49 28.21 -14.65
C ARG A 432 -25.50 29.36 -14.68
N THR A 433 -26.08 29.70 -13.55
CA THR A 433 -27.02 30.84 -13.51
C THR A 433 -26.70 31.90 -12.45
N THR A 434 -26.46 33.12 -12.90
CA THR A 434 -26.14 34.22 -12.02
C THR A 434 -27.40 34.97 -11.55
N VAL A 435 -27.45 35.31 -10.27
CA VAL A 435 -28.59 35.97 -9.68
C VAL A 435 -28.11 37.13 -8.80
N GLU A 436 -28.62 38.33 -9.07
CA GLU A 436 -28.28 39.47 -8.23
C GLU A 436 -29.37 39.73 -7.22
N ILE A 437 -29.00 39.73 -5.95
CA ILE A 437 -29.94 40.04 -4.90
C ILE A 437 -29.72 41.46 -4.46
N LYS A 438 -30.83 42.19 -4.49
CA LYS A 438 -30.95 43.58 -4.06
C LYS A 438 -31.84 43.69 -2.84
N ILE A 439 -31.44 44.55 -1.90
CA ILE A 439 -32.26 44.84 -0.73
C ILE A 439 -32.83 46.24 -0.84
N ILE A 440 -34.16 46.30 -0.89
CA ILE A 440 -34.90 47.54 -1.08
C ILE A 440 -35.66 47.87 0.18
N GLU A 441 -36.04 49.14 0.29
CA GLU A 441 -36.89 49.59 1.37
C GLU A 441 -38.20 48.81 1.29
N GLY A 442 -38.63 48.30 2.43
CA GLY A 442 -39.89 47.61 2.50
C GLY A 442 -40.04 46.94 3.84
N GLU A 443 -41.02 46.06 3.97
CA GLU A 443 -41.16 45.29 5.19
C GLU A 443 -41.69 43.89 4.88
N PRO A 444 -41.47 42.95 5.81
CA PRO A 444 -41.96 41.59 5.59
C PRO A 444 -43.46 41.49 5.65
N ASN A 445 -44.05 40.85 4.66
CA ASN A 445 -45.47 40.51 4.69
C ASN A 445 -45.81 39.57 5.85
N LEU A 446 -45.07 38.48 6.03
CA LEU A 446 -45.29 37.62 7.18
C LEU A 446 -44.80 38.29 8.45
N LYS A 447 -45.44 37.95 9.56
CA LYS A 447 -45.19 38.61 10.84
C LYS A 447 -45.10 37.59 11.96
N VAL A 448 -43.98 37.65 12.67
CA VAL A 448 -43.54 36.61 13.60
C VAL A 448 -42.83 37.25 14.80
N PRO A 449 -42.94 36.63 15.98
CA PRO A 449 -42.17 37.17 17.12
C PRO A 449 -40.66 36.95 16.98
N GLY A 450 -39.85 37.85 17.53
CA GLY A 450 -38.40 37.71 17.48
C GLY A 450 -37.82 36.70 18.48
N ASN A 451 -37.72 37.11 19.75
CA ASN A 451 -37.05 36.29 20.77
C ASN A 451 -38.03 35.42 21.55
N VAL A 452 -38.35 34.25 21.01
CA VAL A 452 -39.31 33.36 21.64
C VAL A 452 -38.67 32.34 22.58
N THR A 453 -39.31 32.11 23.73
CA THR A 453 -38.79 31.20 24.75
C THR A 453 -39.82 30.25 25.35
N ALA A 454 -39.81 28.98 24.94
CA ALA A 454 -40.66 27.98 25.56
C ALA A 454 -40.07 27.61 26.93
N VAL A 455 -40.72 26.67 27.61
CA VAL A 455 -40.34 26.22 28.94
C VAL A 455 -40.52 24.70 28.97
N LEU A 456 -39.58 23.99 29.57
CA LEU A 456 -39.58 22.53 29.52
C LEU A 456 -40.89 21.95 29.97
N GLY A 457 -41.29 20.84 29.34
CA GLY A 457 -42.51 20.13 29.70
C GLY A 457 -43.82 20.87 29.44
N GLU A 458 -43.76 22.20 29.39
CA GLU A 458 -44.95 23.01 29.14
C GLU A 458 -45.29 23.01 27.65
N THR A 459 -46.51 23.41 27.32
CA THR A 459 -46.90 23.58 25.92
C THR A 459 -46.61 25.01 25.50
N LEU A 460 -46.19 25.18 24.25
CA LEU A 460 -46.04 26.54 23.73
C LEU A 460 -46.83 26.62 22.45
N LYS A 461 -47.36 27.81 22.15
CA LYS A 461 -47.86 28.06 20.82
C LYS A 461 -47.34 29.41 20.30
N VAL A 462 -47.09 29.45 18.99
CA VAL A 462 -46.40 30.56 18.35
C VAL A 462 -47.20 31.07 17.18
N PRO A 463 -47.46 32.38 17.13
CA PRO A 463 -48.30 32.91 16.06
C PRO A 463 -47.52 33.23 14.82
N CYS A 464 -48.16 33.08 13.66
CA CYS A 464 -47.72 33.75 12.45
C CYS A 464 -48.91 34.42 11.73
N HIS A 465 -48.73 35.69 11.34
CA HIS A 465 -49.78 36.45 10.66
C HIS A 465 -49.55 36.51 9.16
N PHE A 466 -50.60 36.15 8.41
CA PHE A 466 -50.60 36.21 6.95
C PHE A 466 -51.54 37.30 6.46
N PRO A 467 -51.06 38.22 5.61
CA PRO A 467 -51.95 39.20 5.00
C PRO A 467 -53.00 38.56 4.12
N CYS A 468 -53.77 39.40 3.45
CA CYS A 468 -54.81 38.97 2.51
C CYS A 468 -54.17 38.47 1.24
N LYS A 469 -53.05 39.09 0.89
CA LYS A 469 -52.22 38.66 -0.25
C LYS A 469 -52.13 37.14 -0.33
N PHE A 470 -51.96 36.50 0.85
CA PHE A 470 -51.63 35.08 0.96
C PHE A 470 -52.79 34.16 1.36
N SER A 471 -54.04 34.60 1.18
CA SER A 471 -55.17 33.88 1.73
C SER A 471 -55.41 32.59 0.97
N SER A 472 -55.24 32.65 -0.36
CA SER A 472 -55.41 31.48 -1.19
C SER A 472 -54.12 30.66 -1.30
N TYR A 473 -53.06 31.11 -0.63
CA TYR A 473 -51.81 30.36 -0.60
C TYR A 473 -51.92 29.31 0.47
N GLU A 474 -51.14 28.25 0.36
CA GLU A 474 -50.98 27.28 1.44
C GLU A 474 -49.98 27.80 2.45
N LYS A 475 -50.26 27.53 3.72
CA LYS A 475 -49.48 28.07 4.83
C LYS A 475 -48.87 26.94 5.63
N TYR A 476 -47.60 27.08 6.02
CA TYR A 476 -46.98 26.01 6.78
C TYR A 476 -46.10 26.52 7.90
N TRP A 477 -45.95 25.68 8.92
CA TRP A 477 -44.91 25.81 9.92
C TRP A 477 -43.97 24.62 9.78
N CYS A 478 -42.68 24.82 10.03
CA CYS A 478 -41.72 23.71 10.00
C CYS A 478 -40.52 23.96 10.88
N LYS A 479 -39.84 22.89 11.30
CA LYS A 479 -38.56 23.06 11.99
C LYS A 479 -37.43 22.91 10.99
N TRP A 480 -36.47 23.80 11.09
CA TRP A 480 -35.34 23.82 10.20
C TRP A 480 -34.22 22.89 10.66
N ASN A 481 -33.84 21.94 9.83
CA ASN A 481 -32.55 21.23 9.95
C ASN A 481 -31.85 21.41 8.59
N ASN A 482 -30.63 20.91 8.46
CA ASN A 482 -29.85 21.10 7.25
C ASN A 482 -30.19 20.18 6.07
N THR A 483 -30.99 19.15 6.29
CA THR A 483 -31.47 18.28 5.21
C THR A 483 -32.82 18.74 4.68
N GLY A 484 -33.52 19.55 5.46
CA GLY A 484 -34.79 20.07 5.01
C GLY A 484 -35.67 20.52 6.14
N CYS A 485 -36.44 21.56 5.85
CA CYS A 485 -37.37 22.09 6.82
C CYS A 485 -38.55 21.10 6.98
N GLN A 486 -38.73 20.54 8.18
CA GLN A 486 -39.79 19.53 8.41
C GLN A 486 -41.10 20.14 8.96
N ALA A 487 -42.20 19.89 8.25
CA ALA A 487 -43.49 20.50 8.54
C ALA A 487 -44.09 19.96 9.85
N LEU A 488 -44.87 20.81 10.52
CA LEU A 488 -45.41 20.49 11.84
C LEU A 488 -46.93 20.68 11.95
N PRO A 489 -47.55 20.05 12.98
CA PRO A 489 -48.94 20.36 13.26
C PRO A 489 -49.09 21.84 13.61
N SER A 490 -49.73 22.59 12.74
CA SER A 490 -50.11 23.96 13.06
C SER A 490 -51.63 24.02 13.10
N GLN A 491 -52.17 25.01 13.81
CA GLN A 491 -53.61 25.19 13.90
C GLN A 491 -53.97 26.50 13.23
N ASP A 492 -54.82 26.37 12.22
CA ASP A 492 -55.42 27.50 11.57
C ASP A 492 -56.37 28.16 12.56
N GLU A 493 -56.16 29.46 12.80
CA GLU A 493 -56.98 30.22 13.74
C GLU A 493 -57.72 31.32 13.00
N GLY A 494 -58.38 32.21 13.72
CA GLY A 494 -59.15 33.24 13.06
C GLY A 494 -58.30 34.25 12.29
N PRO A 495 -58.95 35.15 11.53
CA PRO A 495 -58.20 36.20 10.82
C PRO A 495 -57.36 37.05 11.77
N SER A 496 -56.63 38.01 11.21
CA SER A 496 -55.75 38.83 12.01
C SER A 496 -55.84 40.30 11.59
N LYS A 497 -55.73 41.19 12.57
CA LYS A 497 -55.64 42.62 12.30
C LYS A 497 -54.23 43.08 12.60
N ALA A 498 -53.36 42.87 11.62
CA ALA A 498 -52.00 43.35 11.69
C ALA A 498 -51.67 44.05 10.37
N PHE A 499 -52.67 44.13 9.47
CA PHE A 499 -52.44 44.62 8.12
C PHE A 499 -53.41 45.72 7.70
N VAL A 500 -52.99 46.48 6.69
CA VAL A 500 -53.78 47.56 6.10
C VAL A 500 -54.45 47.08 4.81
N ASN A 501 -55.67 47.58 4.55
CA ASN A 501 -56.47 47.12 3.41
C ASN A 501 -56.70 45.60 3.53
N CYS A 502 -56.84 45.16 4.77
CA CYS A 502 -56.97 43.75 5.08
C CYS A 502 -57.68 43.53 6.41
N ASP A 503 -58.71 42.71 6.39
CA ASP A 503 -59.38 42.31 7.62
C ASP A 503 -59.83 40.85 7.52
N GLU A 504 -60.73 40.57 6.59
CA GLU A 504 -61.41 39.28 6.54
C GLU A 504 -60.60 38.20 5.84
N ASN A 505 -59.73 38.63 4.92
CA ASN A 505 -59.00 37.72 4.06
C ASN A 505 -57.68 37.28 4.68
N SER A 506 -57.18 38.12 5.58
CA SER A 506 -55.95 37.84 6.31
C SER A 506 -56.12 36.62 7.20
N ARG A 507 -55.07 36.28 7.93
CA ARG A 507 -55.08 35.06 8.69
C ARG A 507 -54.01 35.00 9.79
N LEU A 508 -54.26 34.15 10.78
CA LEU A 508 -53.26 33.83 11.79
C LEU A 508 -53.16 32.31 11.91
N VAL A 509 -51.97 31.79 11.70
CA VAL A 509 -51.74 30.35 11.84
C VAL A 509 -50.74 30.12 12.94
N SER A 510 -51.08 29.19 13.81
CA SER A 510 -50.30 28.99 15.01
C SER A 510 -49.57 27.66 14.97
N LEU A 511 -48.32 27.70 15.41
CA LEU A 511 -47.58 26.48 15.62
C LEU A 511 -47.77 26.12 17.08
N THR A 512 -48.11 24.87 17.34
CA THR A 512 -48.28 24.40 18.71
C THR A 512 -47.32 23.26 19.05
N LEU A 513 -46.56 23.45 20.11
CA LEU A 513 -45.63 22.46 20.65
C LEU A 513 -46.17 21.93 21.97
N ASN A 514 -46.84 20.77 21.90
CA ASN A 514 -47.64 20.25 23.00
C ASN A 514 -46.84 19.88 24.26
N LEU A 515 -45.70 19.21 24.11
CA LEU A 515 -44.88 18.90 25.29
C LEU A 515 -43.42 19.14 25.01
N VAL A 516 -42.99 20.36 25.28
CA VAL A 516 -41.66 20.80 24.93
C VAL A 516 -40.55 19.97 25.59
N THR A 517 -39.69 19.37 24.75
CA THR A 517 -38.46 18.71 25.20
C THR A 517 -37.27 19.64 24.93
N ARG A 518 -36.08 19.26 25.39
CA ARG A 518 -34.87 20.08 25.18
C ARG A 518 -34.50 20.09 23.71
N ALA A 519 -34.87 19.01 23.02
CA ALA A 519 -34.62 18.87 21.60
C ALA A 519 -35.59 19.67 20.73
N ASP A 520 -36.54 20.38 21.36
CA ASP A 520 -37.51 21.18 20.59
C ASP A 520 -36.95 22.57 20.31
N GLU A 521 -35.78 22.85 20.90
CA GLU A 521 -35.09 24.10 20.68
C GLU A 521 -34.59 24.16 19.25
N GLY A 522 -34.46 25.38 18.73
CA GLY A 522 -33.88 25.60 17.43
C GLY A 522 -34.76 26.48 16.57
N TRP A 523 -34.61 26.36 15.24
CA TRP A 523 -35.25 27.26 14.29
C TRP A 523 -36.56 26.73 13.76
N TYR A 524 -37.57 27.60 13.80
CA TYR A 524 -38.88 27.28 13.25
C TYR A 524 -39.17 28.34 12.19
N TRP A 525 -39.68 27.87 11.06
CA TRP A 525 -40.08 28.76 9.97
C TRP A 525 -41.55 28.67 9.76
N CYS A 526 -42.11 29.86 9.64
CA CYS A 526 -43.46 30.07 9.15
C CYS A 526 -43.27 30.39 7.67
N GLY A 527 -44.07 29.79 6.79
CA GLY A 527 -43.93 30.09 5.37
C GLY A 527 -45.18 29.88 4.54
N VAL A 528 -45.06 30.21 3.25
CA VAL A 528 -46.19 30.24 2.35
C VAL A 528 -45.87 29.57 1.02
N LYS A 529 -46.88 28.95 0.43
CA LYS A 529 -46.66 28.05 -0.68
C LYS A 529 -47.83 28.00 -1.66
N GLN A 530 -47.54 27.78 -2.94
CA GLN A 530 -48.58 27.54 -3.94
C GLN A 530 -48.26 26.28 -4.72
N GLY A 531 -48.82 25.16 -4.30
CA GLY A 531 -48.43 23.88 -4.85
C GLY A 531 -46.94 23.61 -4.59
N HIS A 532 -46.18 23.37 -5.64
CA HIS A 532 -44.75 23.09 -5.49
C HIS A 532 -43.90 24.35 -5.51
N PHE A 533 -44.51 25.52 -5.74
CA PHE A 533 -43.74 26.76 -5.85
C PHE A 533 -43.80 27.53 -4.54
N TYR A 534 -42.66 27.56 -3.85
CA TYR A 534 -42.54 28.16 -2.53
C TYR A 534 -42.33 29.66 -2.55
N GLY A 535 -42.76 30.32 -1.48
CA GLY A 535 -42.60 31.76 -1.38
C GLY A 535 -41.99 32.20 -0.07
N GLU A 536 -42.53 33.30 0.42
CA GLU A 536 -42.00 34.01 1.57
C GLU A 536 -41.99 33.12 2.79
N THR A 537 -41.03 33.39 3.67
CA THR A 537 -40.86 32.67 4.91
C THR A 537 -40.47 33.66 5.98
N ALA A 538 -40.68 33.26 7.23
CA ALA A 538 -40.32 34.06 8.39
C ALA A 538 -39.78 33.09 9.40
N ALA A 539 -38.77 33.49 10.14
CA ALA A 539 -38.06 32.55 10.97
C ALA A 539 -38.03 33.06 12.39
N VAL A 540 -38.20 32.12 13.31
CA VAL A 540 -38.17 32.41 14.73
C VAL A 540 -37.40 31.30 15.43
N TYR A 541 -36.52 31.70 16.34
CA TYR A 541 -35.80 30.77 17.18
C TYR A 541 -36.59 30.48 18.44
N VAL A 542 -36.83 29.21 18.70
CA VAL A 542 -37.44 28.78 19.95
C VAL A 542 -36.36 28.29 20.92
N ALA A 543 -36.25 29.00 22.04
CA ALA A 543 -35.35 28.68 23.15
C ALA A 543 -36.04 27.82 24.19
N VAL A 544 -35.26 27.14 25.04
CA VAL A 544 -35.82 26.31 26.10
C VAL A 544 -35.11 26.47 27.46
N GLU A 545 -35.81 26.99 28.46
CA GLU A 545 -35.38 26.87 29.87
C GLU A 545 -36.38 26.04 30.66
N GLU A 546 -36.29 26.04 31.99
CA GLU A 546 -37.00 25.03 32.79
C GLU A 546 -37.72 25.47 34.05
N ARG A 547 -37.38 26.65 34.59
CA ARG A 547 -38.01 27.10 35.84
C ARG A 547 -39.38 27.71 35.57
N GLY A 548 -39.37 28.93 35.06
CA GLY A 548 -40.57 29.64 34.69
C GLY A 548 -40.22 31.10 34.67
N SER A 549 -40.92 31.87 33.84
CA SER A 549 -40.89 33.34 33.86
C SER A 549 -41.77 33.87 32.73
N SER B 2 15.04 -34.80 8.01
CA SER B 2 14.89 -34.95 9.46
C SER B 2 16.23 -34.85 10.17
N PRO B 3 17.25 -35.59 9.70
CA PRO B 3 18.57 -35.64 10.35
C PRO B 3 19.31 -34.31 10.34
N ILE B 4 18.79 -33.33 9.60
CA ILE B 4 19.41 -32.01 9.50
C ILE B 4 18.83 -31.11 10.59
N PHE B 5 19.68 -30.38 11.28
CA PHE B 5 19.25 -29.50 12.37
C PHE B 5 19.64 -28.07 12.05
N GLY B 6 18.83 -27.10 12.49
CA GLY B 6 19.16 -25.69 12.35
C GLY B 6 18.26 -24.79 13.17
N PRO B 7 18.34 -23.48 12.94
CA PRO B 7 17.48 -22.47 13.57
C PRO B 7 16.16 -22.31 12.85
N GLU B 8 15.02 -22.41 13.54
CA GLU B 8 13.73 -22.26 12.88
C GLU B 8 13.42 -20.79 12.69
N GLU B 9 13.75 -19.97 13.67
CA GLU B 9 13.57 -18.52 13.54
C GLU B 9 14.87 -17.79 13.57
N VAL B 10 15.05 -16.91 12.60
CA VAL B 10 16.18 -16.02 12.56
C VAL B 10 15.64 -14.66 12.21
N ASN B 11 16.03 -13.68 13.01
CA ASN B 11 15.58 -12.31 12.87
C ASN B 11 16.76 -11.35 12.77
N SER B 12 16.60 -10.29 11.98
CA SER B 12 17.67 -9.31 11.77
C SER B 12 17.10 -7.99 11.35
N VAL B 13 18.03 -7.05 11.12
CA VAL B 13 17.70 -5.71 10.68
C VAL B 13 18.48 -5.43 9.41
N GLU B 14 17.92 -4.58 8.56
CA GLU B 14 18.60 -4.15 7.34
C GLU B 14 20.01 -3.69 7.64
N GLY B 15 20.98 -4.22 6.90
CA GLY B 15 22.36 -3.78 7.00
C GLY B 15 23.23 -4.77 7.72
N ASN B 16 22.67 -5.41 8.73
CA ASN B 16 23.39 -6.39 9.52
C ASN B 16 23.85 -7.58 8.70
N SER B 17 24.47 -8.54 9.38
CA SER B 17 24.87 -9.77 8.75
C SER B 17 24.39 -10.86 9.67
N VAL B 18 24.45 -12.09 9.20
CA VAL B 18 23.81 -13.19 9.90
C VAL B 18 24.61 -14.44 9.61
N SER B 19 24.64 -15.35 10.57
CA SER B 19 25.37 -16.59 10.38
C SER B 19 24.51 -17.78 10.78
N ILE B 20 23.98 -18.47 9.77
CA ILE B 20 23.12 -19.61 10.00
C ILE B 20 23.97 -20.86 10.07
N THR B 21 23.85 -21.61 11.16
CA THR B 21 24.60 -22.86 11.32
C THR B 21 23.68 -24.07 11.23
N CYS B 22 24.01 -24.99 10.33
CA CYS B 22 23.20 -26.19 10.16
C CYS B 22 24.05 -27.39 10.51
N TYR B 23 23.45 -28.33 11.22
CA TYR B 23 24.14 -29.49 11.76
C TYR B 23 23.73 -30.72 10.97
N TYR B 24 24.70 -31.61 10.75
CA TYR B 24 24.40 -32.87 10.08
C TYR B 24 25.18 -34.03 10.69
N PRO B 25 24.64 -35.24 10.52
CA PRO B 25 25.33 -36.43 10.98
C PRO B 25 26.68 -36.57 10.29
N PRO B 26 27.79 -36.51 11.04
CA PRO B 26 29.08 -36.50 10.33
C PRO B 26 29.44 -37.88 9.76
N THR B 27 28.48 -38.50 9.08
CA THR B 27 28.67 -39.76 8.36
C THR B 27 29.84 -39.64 7.40
N SER B 28 30.30 -40.77 6.87
CA SER B 28 31.31 -40.76 5.83
C SER B 28 30.86 -39.97 4.61
N VAL B 29 29.61 -40.20 4.20
CA VAL B 29 29.03 -39.52 3.04
C VAL B 29 28.92 -38.01 3.26
N ASN B 30 28.36 -37.63 4.40
CA ASN B 30 28.06 -36.23 4.69
C ASN B 30 29.28 -35.31 4.79
N ARG B 31 30.47 -35.89 4.75
CA ARG B 31 31.68 -35.14 5.07
C ARG B 31 31.98 -34.01 4.08
N HIS B 32 31.88 -34.31 2.79
CA HIS B 32 32.15 -33.32 1.75
C HIS B 32 31.05 -33.32 0.68
N THR B 33 29.96 -34.00 0.98
CA THR B 33 28.77 -33.94 0.14
C THR B 33 28.31 -32.51 -0.02
N ARG B 34 27.51 -32.29 -1.06
CA ARG B 34 26.98 -30.97 -1.39
C ARG B 34 26.22 -30.42 -0.20
N LYS B 35 26.72 -29.31 0.35
CA LYS B 35 25.94 -28.52 1.30
C LYS B 35 25.26 -27.43 0.48
N TYR B 36 23.97 -27.23 0.68
CA TYR B 36 23.26 -26.15 -0.01
C TYR B 36 22.42 -25.28 0.88
N TRP B 37 22.35 -24.03 0.46
CA TRP B 37 21.45 -23.05 1.01
C TRP B 37 20.57 -22.51 -0.11
N CYS B 38 19.27 -22.73 0.05
CA CYS B 38 18.29 -22.31 -0.95
C CYS B 38 17.05 -21.61 -0.39
N ARG B 39 16.41 -20.84 -1.27
CA ARG B 39 15.21 -20.11 -0.92
C ARG B 39 13.98 -20.84 -1.44
N GLN B 40 12.98 -21.01 -0.57
CA GLN B 40 11.73 -21.67 -0.94
C GLN B 40 10.94 -20.76 -1.87
N GLY B 41 10.53 -21.32 -2.99
CA GLY B 41 9.80 -20.60 -4.02
C GLY B 41 8.49 -21.26 -4.34
N ALA B 42 7.91 -20.85 -5.47
CA ALA B 42 6.59 -21.30 -5.86
C ALA B 42 6.54 -22.81 -5.99
N ARG B 43 5.42 -23.38 -5.60
CA ARG B 43 5.07 -24.76 -5.94
C ARG B 43 6.09 -25.76 -5.40
N GLY B 44 6.68 -25.42 -4.25
CA GLY B 44 7.57 -26.33 -3.54
C GLY B 44 9.01 -26.26 -3.98
N GLY B 45 9.27 -25.44 -4.98
CA GLY B 45 10.62 -25.29 -5.49
C GLY B 45 11.50 -24.63 -4.45
N CYS B 46 12.79 -24.96 -4.51
CA CYS B 46 13.77 -24.35 -3.62
C CYS B 46 15.01 -24.00 -4.43
N ILE B 47 15.28 -22.70 -4.51
CA ILE B 47 16.29 -22.16 -5.42
C ILE B 47 17.64 -21.98 -4.73
N THR B 48 18.64 -22.71 -5.21
CA THR B 48 19.99 -22.61 -4.69
C THR B 48 20.51 -21.18 -4.73
N LEU B 49 20.94 -20.70 -3.57
CA LEU B 49 21.55 -19.38 -3.47
C LEU B 49 23.06 -19.56 -3.26
N ILE B 50 23.43 -20.63 -2.55
CA ILE B 50 24.84 -20.97 -2.42
C ILE B 50 25.08 -22.41 -2.03
N SER B 51 26.10 -23.01 -2.64
CA SER B 51 26.47 -24.40 -2.35
C SER B 51 27.95 -24.56 -2.17
N SER B 52 28.33 -25.70 -1.58
CA SER B 52 29.71 -26.03 -1.27
C SER B 52 30.54 -26.45 -2.48
N GLU B 53 29.88 -26.57 -3.65
CA GLU B 53 30.56 -27.00 -4.87
C GLU B 53 31.09 -25.86 -5.72
N GLY B 54 30.81 -24.62 -5.30
CA GLY B 54 31.30 -23.44 -5.97
C GLY B 54 30.21 -22.52 -6.49
N TYR B 55 28.95 -22.90 -6.30
CA TYR B 55 27.84 -22.07 -6.78
C TYR B 55 27.51 -20.90 -5.85
N VAL B 56 27.49 -19.70 -6.41
CA VAL B 56 27.05 -18.52 -5.69
C VAL B 56 26.19 -17.68 -6.61
N SER B 57 24.92 -17.59 -6.24
CA SER B 57 23.92 -16.76 -6.91
C SER B 57 24.39 -15.32 -7.03
N SER B 58 24.06 -14.69 -8.15
CA SER B 58 24.44 -13.30 -8.36
C SER B 58 23.89 -12.40 -7.26
N LYS B 59 22.80 -12.81 -6.62
CA LYS B 59 22.26 -12.03 -5.51
C LYS B 59 23.06 -12.19 -4.21
N TYR B 60 23.91 -13.23 -4.11
CA TYR B 60 24.78 -13.38 -2.95
C TYR B 60 26.26 -13.07 -3.23
N ALA B 61 26.61 -12.85 -4.51
CA ALA B 61 27.99 -12.54 -4.90
C ALA B 61 28.59 -11.39 -4.11
N GLY B 62 29.64 -11.69 -3.35
CA GLY B 62 30.32 -10.69 -2.54
C GLY B 62 29.68 -10.44 -1.18
N ARG B 63 28.52 -11.03 -0.96
CA ARG B 63 27.70 -10.77 0.23
C ARG B 63 27.74 -11.95 1.15
N ALA B 64 28.13 -13.11 0.63
CA ALA B 64 27.91 -14.35 1.36
C ALA B 64 28.98 -15.42 1.21
N ASN B 65 29.01 -16.35 2.16
CA ASN B 65 29.82 -17.57 2.01
C ASN B 65 29.22 -18.77 2.74
N LEU B 66 29.64 -19.98 2.34
CA LEU B 66 29.21 -21.22 2.97
C LEU B 66 30.44 -21.99 3.41
N THR B 67 30.66 -22.10 4.72
CA THR B 67 31.84 -22.79 5.22
C THR B 67 31.48 -24.09 5.92
N ASN B 68 32.05 -25.18 5.43
CA ASN B 68 31.85 -26.48 6.04
C ASN B 68 32.84 -26.71 7.20
N PHE B 69 32.36 -27.39 8.23
CA PHE B 69 33.20 -27.89 9.30
C PHE B 69 32.93 -29.38 9.38
N PRO B 70 33.71 -30.19 8.64
CA PRO B 70 33.43 -31.63 8.58
C PRO B 70 33.68 -32.29 9.91
N GLU B 71 34.51 -31.65 10.74
CA GLU B 71 34.79 -32.12 12.09
C GLU B 71 33.57 -32.06 13.01
N ASN B 72 33.02 -30.87 13.19
CA ASN B 72 31.83 -30.63 14.02
C ASN B 72 30.62 -31.44 13.56
N GLY B 73 30.43 -31.52 12.25
CA GLY B 73 29.19 -32.04 11.68
C GLY B 73 28.24 -30.88 11.40
N THR B 74 28.83 -29.72 11.11
CA THR B 74 28.06 -28.53 10.84
C THR B 74 28.62 -27.76 9.65
N PHE B 75 27.77 -26.94 9.03
CA PHE B 75 28.29 -25.92 8.14
C PHE B 75 27.55 -24.63 8.39
N VAL B 76 28.18 -23.54 8.00
CA VAL B 76 27.71 -22.21 8.34
C VAL B 76 27.62 -21.27 7.13
N VAL B 77 26.41 -20.72 6.94
CA VAL B 77 26.12 -19.78 5.87
C VAL B 77 26.17 -18.38 6.45
N ASN B 78 27.03 -17.55 5.88
CA ASN B 78 27.17 -16.17 6.31
C ASN B 78 26.61 -15.30 5.24
N ILE B 79 25.70 -14.43 5.65
CA ILE B 79 25.05 -13.50 4.73
C ILE B 79 25.19 -12.13 5.33
N ALA B 80 25.59 -11.17 4.49
CA ALA B 80 25.84 -9.83 4.94
C ALA B 80 25.01 -8.82 4.16
N GLN B 81 25.01 -7.58 4.61
CA GLN B 81 24.33 -6.51 3.90
C GLN B 81 22.86 -6.87 3.63
N LEU B 82 22.17 -7.27 4.69
CA LEU B 82 20.81 -7.74 4.57
C LEU B 82 19.83 -6.65 4.19
N SER B 83 18.90 -7.04 3.33
CA SER B 83 17.79 -6.19 2.90
C SER B 83 16.48 -6.84 3.33
N GLN B 84 15.37 -6.10 3.27
CA GLN B 84 14.07 -6.71 3.52
C GLN B 84 13.73 -7.77 2.45
N ASP B 85 14.25 -7.58 1.24
CA ASP B 85 14.17 -8.60 0.18
C ASP B 85 14.76 -9.97 0.59
N ASP B 86 15.56 -10.02 1.65
CA ASP B 86 16.09 -11.30 2.08
C ASP B 86 15.15 -12.01 3.04
N SER B 87 14.08 -11.32 3.46
CA SER B 87 13.07 -11.98 4.29
C SER B 87 12.44 -13.11 3.48
N GLY B 88 12.42 -14.30 4.05
CA GLY B 88 11.87 -15.43 3.35
C GLY B 88 12.04 -16.72 4.10
N ARG B 89 11.58 -17.79 3.48
CA ARG B 89 11.76 -19.12 3.97
C ARG B 89 12.86 -19.80 3.18
N TYR B 90 13.73 -20.50 3.88
CA TYR B 90 14.91 -21.07 3.27
C TYR B 90 15.04 -22.51 3.69
N LYS B 91 15.76 -23.29 2.91
CA LYS B 91 16.22 -24.59 3.38
C LYS B 91 17.74 -24.66 3.33
N CYS B 92 18.31 -25.26 4.37
CA CYS B 92 19.73 -25.62 4.37
C CYS B 92 19.80 -27.14 4.36
N GLY B 93 20.65 -27.71 3.51
CA GLY B 93 20.62 -29.15 3.38
C GLY B 93 21.82 -29.81 2.76
N LEU B 94 21.71 -31.13 2.66
CA LEU B 94 22.76 -31.98 2.12
C LEU B 94 22.30 -32.62 0.81
N GLY B 95 23.22 -32.72 -0.15
CA GLY B 95 22.89 -33.34 -1.42
C GLY B 95 22.21 -32.38 -2.37
N ILE B 96 21.18 -32.85 -3.04
CA ILE B 96 20.45 -32.02 -3.98
C ILE B 96 19.13 -31.52 -3.38
N ASN B 97 18.85 -30.25 -3.63
CA ASN B 97 17.76 -29.53 -2.98
C ASN B 97 16.47 -30.34 -2.95
N SER B 98 16.14 -30.97 -4.07
CA SER B 98 14.85 -31.64 -4.23
C SER B 98 14.66 -32.78 -3.23
N ARG B 99 15.73 -33.51 -2.93
CA ARG B 99 15.62 -34.61 -1.98
C ARG B 99 15.28 -34.09 -0.59
N GLY B 100 15.05 -35.01 0.33
CA GLY B 100 14.55 -34.65 1.65
C GLY B 100 15.51 -33.94 2.59
N LEU B 101 16.78 -34.33 2.60
CA LEU B 101 17.62 -34.04 3.75
C LEU B 101 17.95 -32.56 3.87
N SER B 102 17.11 -31.87 4.63
CA SER B 102 17.23 -30.42 4.81
C SER B 102 16.53 -29.97 6.09
N PHE B 103 16.80 -28.71 6.43
CA PHE B 103 16.14 -28.08 7.54
C PHE B 103 15.61 -26.73 7.10
N ASP B 104 14.41 -26.44 7.60
CA ASP B 104 13.60 -25.32 7.18
C ASP B 104 13.85 -24.14 8.09
N VAL B 105 14.42 -23.08 7.52
CA VAL B 105 14.79 -21.90 8.27
C VAL B 105 13.94 -20.70 7.82
N SER B 106 13.45 -19.96 8.80
CA SER B 106 12.77 -18.70 8.55
C SER B 106 13.73 -17.57 8.79
N LEU B 107 13.76 -16.63 7.86
CA LEU B 107 14.56 -15.45 8.02
C LEU B 107 13.72 -14.19 7.80
N GLU B 108 13.57 -13.38 8.84
CA GLU B 108 12.95 -12.07 8.75
C GLU B 108 13.99 -10.98 8.91
N VAL B 109 13.87 -9.93 8.11
CA VAL B 109 14.76 -8.79 8.15
C VAL B 109 13.90 -7.55 8.32
N SER B 110 13.87 -7.00 9.51
CA SER B 110 13.05 -5.82 9.77
C SER B 110 13.77 -4.55 9.30
N GLN B 111 13.03 -3.45 9.29
CA GLN B 111 13.53 -2.21 8.72
C GLN B 111 14.55 -1.53 9.60
N GLY B 112 14.28 -1.47 10.90
CA GLY B 112 15.26 -0.99 11.86
C GLY B 112 15.24 -1.76 13.16
N PRO B 113 15.98 -1.23 14.17
CA PRO B 113 15.84 -1.68 15.54
C PRO B 113 14.38 -1.55 15.98
N GLY B 114 13.93 -2.43 16.88
CA GLY B 114 12.54 -2.44 17.31
C GLY B 114 12.32 -3.17 18.61
N LEU B 115 11.09 -3.14 19.12
CA LEU B 115 10.79 -3.66 20.46
C LEU B 115 10.33 -5.12 20.47
N LEU B 116 9.87 -5.62 19.32
CA LEU B 116 9.47 -7.02 19.19
C LEU B 116 10.53 -7.71 18.32
N ASN B 117 10.74 -9.02 18.49
CA ASN B 117 11.69 -9.74 17.63
C ASN B 117 11.37 -11.21 17.36
N ASP B 118 10.24 -11.73 17.85
CA ASP B 118 9.74 -13.01 17.35
C ASP B 118 8.94 -12.84 16.05
N THR B 119 9.49 -13.33 14.94
CA THR B 119 8.80 -13.21 13.66
C THR B 119 8.96 -14.49 12.84
N LYS B 120 7.83 -15.02 12.36
CA LYS B 120 7.86 -16.15 11.43
C LYS B 120 7.43 -15.71 10.03
N VAL B 121 8.12 -16.26 9.04
CA VAL B 121 7.83 -16.00 7.64
C VAL B 121 7.09 -17.22 7.12
N TYR B 122 6.05 -16.97 6.31
CA TYR B 122 5.30 -18.02 5.62
C TYR B 122 5.36 -17.74 4.13
N THR B 123 5.54 -18.79 3.34
CA THR B 123 5.60 -18.67 1.90
C THR B 123 4.65 -19.71 1.33
N VAL B 124 3.67 -19.24 0.59
CA VAL B 124 2.54 -20.06 0.19
C VAL B 124 2.13 -19.72 -1.23
N ASP B 125 1.67 -20.70 -2.00
CA ASP B 125 1.23 -20.40 -3.37
C ASP B 125 -0.13 -19.69 -3.38
N LEU B 126 -0.38 -18.91 -4.42
CA LEU B 126 -1.73 -18.47 -4.75
C LEU B 126 -2.76 -19.56 -4.51
N GLY B 127 -3.89 -19.17 -3.93
CA GLY B 127 -5.04 -20.05 -3.81
C GLY B 127 -4.97 -21.10 -2.73
N ARG B 128 -3.83 -21.21 -2.04
CA ARG B 128 -3.65 -22.26 -1.04
C ARG B 128 -3.87 -21.71 0.35
N THR B 129 -3.70 -22.57 1.34
CA THR B 129 -4.07 -22.27 2.73
C THR B 129 -2.85 -21.96 3.56
N VAL B 130 -2.98 -21.08 4.52
CA VAL B 130 -1.93 -20.95 5.53
C VAL B 130 -2.52 -21.14 6.92
N THR B 131 -1.69 -21.72 7.78
CA THR B 131 -2.01 -21.84 9.19
C THR B 131 -0.99 -21.09 10.03
N ILE B 132 -1.38 -19.93 10.54
CA ILE B 132 -0.50 -19.14 11.40
C ILE B 132 -0.71 -19.51 12.86
N ASN B 133 0.33 -19.99 13.53
CA ASN B 133 0.22 -20.32 14.95
C ASN B 133 0.56 -19.14 15.85
N CYS B 134 -0.25 -18.97 16.89
CA CYS B 134 -0.20 -17.79 17.74
C CYS B 134 -0.10 -18.26 19.19
N PRO B 135 1.13 -18.30 19.71
CA PRO B 135 1.34 -18.86 21.04
C PRO B 135 1.13 -17.79 22.10
N PHE B 136 0.68 -18.18 23.29
CA PHE B 136 0.44 -17.21 24.38
C PHE B 136 0.85 -17.77 25.75
N LYS B 137 0.82 -16.94 26.77
CA LYS B 137 1.14 -17.40 28.13
C LYS B 137 -0.16 -17.73 28.84
N THR B 138 -0.07 -18.49 29.93
CA THR B 138 -1.24 -18.94 30.68
C THR B 138 -2.18 -17.81 31.12
N GLU B 139 -1.59 -16.68 31.49
CA GLU B 139 -2.37 -15.57 32.05
C GLU B 139 -3.27 -14.91 31.00
N ASN B 140 -3.06 -15.29 29.74
CA ASN B 140 -3.82 -14.73 28.63
C ASN B 140 -4.70 -15.74 27.91
N ALA B 141 -4.76 -16.96 28.44
CA ALA B 141 -5.43 -18.08 27.79
C ALA B 141 -6.93 -17.92 27.55
N GLN B 142 -7.58 -17.09 28.35
CA GLN B 142 -9.03 -16.89 28.22
C GLN B 142 -9.36 -15.46 27.82
N LYS B 143 -8.34 -14.75 27.35
CA LYS B 143 -8.52 -13.39 26.89
C LYS B 143 -8.75 -13.37 25.37
N ARG B 144 -8.94 -12.17 24.83
CA ARG B 144 -9.27 -11.99 23.41
C ARG B 144 -8.14 -12.47 22.51
N LYS B 145 -8.46 -13.37 21.58
CA LYS B 145 -7.51 -13.75 20.53
C LYS B 145 -7.79 -12.97 19.25
N SER B 146 -6.78 -12.32 18.70
CA SER B 146 -6.99 -11.54 17.49
C SER B 146 -5.84 -11.65 16.48
N LEU B 147 -6.18 -11.38 15.22
CA LEU B 147 -5.17 -11.23 14.16
C LEU B 147 -5.32 -9.89 13.47
N TYR B 148 -4.21 -9.15 13.40
CA TYR B 148 -4.15 -7.85 12.71
C TYR B 148 -3.26 -7.93 11.46
N LYS B 149 -3.56 -7.07 10.51
CA LYS B 149 -2.71 -6.89 9.34
C LYS B 149 -2.33 -5.42 9.19
N GLN B 150 -1.08 -5.14 8.82
CA GLN B 150 -0.71 -3.76 8.49
C GLN B 150 -1.17 -3.40 7.06
N ILE B 151 -2.28 -2.67 6.99
CA ILE B 151 -2.81 -2.21 5.72
C ILE B 151 -2.61 -0.71 5.69
N GLY B 152 -1.59 -0.31 4.96
CA GLY B 152 -1.18 1.09 4.89
C GLY B 152 -0.32 1.50 6.06
N LEU B 153 -0.61 2.68 6.59
CA LEU B 153 0.22 3.22 7.64
C LEU B 153 -0.43 2.94 9.00
N TYR B 154 -1.48 2.14 8.98
CA TYR B 154 -2.26 1.80 10.16
C TYR B 154 -2.64 0.31 10.15
N PRO B 155 -2.59 -0.36 11.31
CA PRO B 155 -3.03 -1.76 11.41
C PRO B 155 -4.57 -1.97 11.40
N VAL B 156 -4.99 -2.95 10.60
CA VAL B 156 -6.39 -3.34 10.46
C VAL B 156 -6.71 -4.66 11.12
N LEU B 157 -7.85 -4.72 11.78
CA LEU B 157 -8.30 -5.97 12.37
C LEU B 157 -8.77 -6.96 11.32
N VAL B 158 -8.24 -8.17 11.37
CA VAL B 158 -8.64 -9.19 10.42
C VAL B 158 -9.66 -10.21 10.99
N ILE B 159 -9.42 -10.69 12.21
CA ILE B 159 -10.36 -11.59 12.87
C ILE B 159 -10.19 -11.57 14.40
N ASP B 160 -11.32 -11.69 15.09
CA ASP B 160 -11.46 -11.60 16.55
C ASP B 160 -11.97 -12.90 17.13
N SER B 161 -11.63 -13.18 18.38
CA SER B 161 -12.32 -14.24 19.11
C SER B 161 -13.73 -13.81 19.56
N SER B 162 -14.06 -12.53 19.37
CA SER B 162 -15.41 -12.02 19.67
C SER B 162 -16.38 -12.11 18.48
N GLY B 163 -15.89 -12.56 17.33
CA GLY B 163 -16.76 -12.77 16.18
C GLY B 163 -16.56 -11.82 15.02
N TYR B 164 -15.73 -10.79 15.15
CA TYR B 164 -15.44 -9.93 14.01
C TYR B 164 -14.66 -10.67 12.94
N VAL B 165 -15.15 -10.58 11.69
CA VAL B 165 -14.32 -10.94 10.56
C VAL B 165 -14.33 -9.80 9.56
N ASN B 166 -13.13 -9.37 9.20
CA ASN B 166 -12.89 -8.36 8.17
C ASN B 166 -13.53 -8.76 6.85
N PRO B 167 -14.26 -7.84 6.21
CA PRO B 167 -15.05 -8.20 5.02
C PRO B 167 -14.26 -8.94 3.93
N ASN B 168 -12.97 -8.66 3.84
CA ASN B 168 -12.16 -9.25 2.77
C ASN B 168 -11.77 -10.69 3.02
N TYR B 169 -12.15 -11.22 4.19
CA TYR B 169 -11.75 -12.56 4.61
C TYR B 169 -12.93 -13.47 4.92
N THR B 170 -14.13 -12.92 5.00
CA THR B 170 -15.31 -13.72 5.39
C THR B 170 -15.41 -14.98 4.51
N GLY B 171 -15.78 -16.08 5.14
CA GLY B 171 -15.93 -17.36 4.47
C GLY B 171 -14.63 -18.15 4.27
N ARG B 172 -13.46 -17.55 4.49
CA ARG B 172 -12.18 -18.24 4.20
C ARG B 172 -11.15 -18.03 5.31
N ILE B 173 -11.61 -17.69 6.49
CA ILE B 173 -10.74 -17.60 7.65
C ILE B 173 -11.39 -18.20 8.90
N ARG B 174 -10.61 -18.94 9.67
CA ARG B 174 -11.10 -19.41 10.95
C ARG B 174 -10.05 -19.28 12.04
N LEU B 175 -10.56 -19.12 13.25
CA LEU B 175 -9.73 -19.04 14.42
C LEU B 175 -9.77 -20.38 15.19
N ASP B 176 -8.71 -21.18 15.09
CA ASP B 176 -8.69 -22.52 15.67
C ASP B 176 -8.13 -22.57 17.09
N ILE B 177 -9.00 -22.82 18.04
CA ILE B 177 -8.59 -22.99 19.43
C ILE B 177 -8.16 -24.43 19.68
N GLN B 178 -6.92 -24.60 20.12
CA GLN B 178 -6.40 -25.94 20.38
C GLN B 178 -6.90 -26.51 21.71
N GLY B 179 -7.03 -27.83 21.74
CA GLY B 179 -7.36 -28.55 22.98
C GLY B 179 -6.11 -28.89 23.78
N THR B 180 -6.28 -29.75 24.78
CA THR B 180 -5.19 -30.25 25.61
C THR B 180 -4.31 -29.14 26.18
N GLY B 181 -4.90 -27.98 26.39
CA GLY B 181 -4.22 -26.89 27.09
C GLY B 181 -2.92 -26.42 26.48
N GLN B 182 -2.65 -26.77 25.23
CA GLN B 182 -1.49 -26.22 24.54
C GLN B 182 -1.66 -24.70 24.55
N LEU B 183 -0.55 -23.98 24.64
CA LEU B 183 -0.61 -22.54 24.84
C LEU B 183 -0.52 -21.77 23.53
N LEU B 184 -1.53 -21.97 22.69
CA LEU B 184 -1.56 -21.31 21.39
C LEU B 184 -2.93 -21.39 20.75
N PHE B 185 -3.19 -20.49 19.80
CA PHE B 185 -4.32 -20.65 18.89
C PHE B 185 -3.80 -20.51 17.48
N SER B 186 -4.58 -20.94 16.51
CA SER B 186 -4.14 -20.92 15.12
C SER B 186 -5.10 -20.10 14.31
N VAL B 187 -4.59 -19.45 13.26
CA VAL B 187 -5.47 -18.79 12.31
C VAL B 187 -5.25 -19.46 10.97
N VAL B 188 -6.34 -20.00 10.43
CA VAL B 188 -6.26 -20.68 9.15
C VAL B 188 -6.92 -19.80 8.11
N ILE B 189 -6.14 -19.44 7.09
CA ILE B 189 -6.63 -18.60 6.00
C ILE B 189 -6.58 -19.35 4.67
N ASN B 190 -7.73 -19.35 3.97
CA ASN B 190 -7.87 -20.11 2.72
C ASN B 190 -7.90 -19.25 1.48
N GLN B 191 -7.60 -19.92 0.37
CA GLN B 191 -7.69 -19.33 -0.96
C GLN B 191 -6.97 -18.01 -0.93
N LEU B 192 -5.67 -18.06 -0.64
CA LEU B 192 -4.90 -16.84 -0.47
C LEU B 192 -4.84 -16.01 -1.75
N ARG B 193 -4.97 -14.72 -1.57
CA ARG B 193 -4.88 -13.76 -2.65
C ARG B 193 -3.49 -13.12 -2.61
N LEU B 194 -3.08 -12.51 -3.70
CA LEU B 194 -1.87 -11.71 -3.68
C LEU B 194 -2.03 -10.58 -2.66
N SER B 195 -3.21 -9.98 -2.56
CA SER B 195 -3.40 -8.87 -1.64
C SER B 195 -3.31 -9.35 -0.20
N ASP B 196 -3.42 -10.65 0.03
CA ASP B 196 -3.38 -11.15 1.39
C ASP B 196 -1.94 -11.09 1.91
N ALA B 197 -0.96 -10.94 1.02
CA ALA B 197 0.45 -10.89 1.44
C ALA B 197 0.69 -9.63 2.26
N GLY B 198 1.60 -9.73 3.22
CA GLY B 198 1.89 -8.62 4.10
C GLY B 198 2.30 -9.05 5.49
N GLN B 199 2.34 -8.08 6.38
CA GLN B 199 2.79 -8.25 7.75
C GLN B 199 1.57 -8.34 8.67
N TYR B 200 1.51 -9.47 9.37
CA TYR B 200 0.43 -9.81 10.28
C TYR B 200 0.89 -9.89 11.75
N LEU B 201 -0.01 -9.57 12.66
CA LEU B 201 0.25 -9.67 14.08
C LEU B 201 -0.83 -10.50 14.74
N CYS B 202 -0.50 -11.65 15.31
CA CYS B 202 -1.48 -12.36 16.14
C CYS B 202 -1.25 -12.02 17.60
N GLN B 203 -2.36 -11.96 18.32
CA GLN B 203 -2.36 -11.46 19.69
C GLN B 203 -3.31 -12.18 20.65
N ALA B 204 -2.81 -12.38 21.87
CA ALA B 204 -3.60 -12.92 22.97
C ALA B 204 -3.57 -11.95 24.15
N GLY B 205 -4.75 -11.59 24.61
CA GLY B 205 -4.92 -10.60 25.64
C GLY B 205 -4.82 -9.20 25.07
N ASP B 206 -5.20 -8.20 25.87
CA ASP B 206 -5.10 -6.80 25.46
C ASP B 206 -4.37 -5.92 26.47
N ASP B 207 -3.77 -6.54 27.49
CA ASP B 207 -3.05 -5.80 28.52
C ASP B 207 -1.72 -5.36 27.95
N SER B 208 -0.85 -4.83 28.81
CA SER B 208 0.56 -4.71 28.46
C SER B 208 1.20 -6.06 28.71
N ASN B 209 0.43 -6.90 29.39
CA ASN B 209 0.76 -8.30 29.60
C ASN B 209 0.51 -9.17 28.34
N SER B 210 -0.05 -8.53 27.31
CA SER B 210 -0.44 -9.18 26.05
C SER B 210 0.68 -9.99 25.35
N ASN B 211 0.32 -11.12 24.75
CA ASN B 211 1.27 -11.92 23.97
C ASN B 211 1.10 -11.79 22.45
N LYS B 212 2.18 -11.43 21.78
CA LYS B 212 2.15 -11.04 20.37
C LYS B 212 3.14 -11.84 19.51
N LYS B 213 2.74 -12.09 18.25
CA LYS B 213 3.66 -12.65 17.28
C LYS B 213 3.49 -12.03 15.91
N ASN B 214 4.62 -11.78 15.25
CA ASN B 214 4.61 -11.21 13.91
C ASN B 214 4.71 -12.34 12.90
N ALA B 215 3.92 -12.24 11.84
CA ALA B 215 3.93 -13.21 10.76
C ALA B 215 4.06 -12.50 9.43
N ASP B 216 5.07 -12.89 8.66
CA ASP B 216 5.33 -12.24 7.39
C ASP B 216 4.85 -13.17 6.29
N LEU B 217 3.69 -12.83 5.72
CA LEU B 217 3.03 -13.70 4.77
C LEU B 217 3.32 -13.30 3.34
N GLN B 218 3.96 -14.24 2.64
CA GLN B 218 4.30 -14.13 1.22
C GLN B 218 3.45 -15.10 0.38
N VAL B 219 2.92 -14.59 -0.73
CA VAL B 219 2.00 -15.35 -1.58
C VAL B 219 2.53 -15.36 -3.00
N LEU B 220 2.94 -16.53 -3.48
CA LEU B 220 3.69 -16.59 -4.75
C LEU B 220 2.87 -16.93 -5.99
N LYS B 221 3.16 -16.20 -7.06
CA LYS B 221 2.63 -16.51 -8.39
C LYS B 221 3.34 -17.75 -8.94
N PRO B 222 2.71 -18.45 -9.86
CA PRO B 222 3.41 -19.63 -10.33
C PRO B 222 4.49 -19.28 -11.35
N GLU B 223 5.46 -20.18 -11.46
CA GLU B 223 6.51 -20.05 -12.44
C GLU B 223 6.08 -20.68 -13.78
N PRO B 224 6.08 -19.89 -14.87
CA PRO B 224 5.67 -20.45 -16.17
C PRO B 224 6.57 -21.57 -16.66
N GLU B 225 6.00 -22.72 -16.99
CA GLU B 225 6.71 -23.79 -17.69
C GLU B 225 6.77 -23.45 -19.18
N LEU B 226 7.95 -23.55 -19.78
CA LEU B 226 8.13 -23.21 -21.19
C LEU B 226 7.89 -24.41 -22.09
N VAL B 227 7.12 -24.19 -23.16
CA VAL B 227 6.80 -25.26 -24.11
C VAL B 227 7.00 -24.82 -25.57
N TYR B 228 7.68 -25.70 -26.31
CA TYR B 228 8.07 -25.41 -27.68
C TYR B 228 7.38 -26.37 -28.63
N GLU B 229 6.59 -25.81 -29.53
CA GLU B 229 5.82 -26.63 -30.46
C GLU B 229 5.83 -26.07 -31.87
N ASP B 230 5.52 -26.95 -32.82
CA ASP B 230 5.52 -26.58 -34.23
C ASP B 230 4.13 -26.26 -34.75
N LEU B 231 4.08 -25.31 -35.67
CA LEU B 231 2.84 -24.92 -36.36
C LEU B 231 2.01 -26.12 -36.77
N ARG B 232 0.71 -26.02 -36.51
CA ARG B 232 -0.25 -27.07 -36.83
C ARG B 232 0.08 -28.40 -36.16
N GLY B 233 0.98 -28.36 -35.18
CA GLY B 233 1.19 -29.49 -34.30
C GLY B 233 0.24 -29.42 -33.10
N SER B 234 0.53 -30.21 -32.08
CA SER B 234 -0.29 -30.25 -30.87
C SER B 234 0.51 -29.92 -29.62
N VAL B 235 -0.20 -29.63 -28.53
CA VAL B 235 0.40 -29.44 -27.19
C VAL B 235 -0.51 -30.05 -26.15
N THR B 236 0.10 -30.61 -25.12
CA THR B 236 -0.64 -31.14 -23.97
C THR B 236 -0.25 -30.42 -22.68
N PHE B 237 -1.25 -29.86 -22.00
CA PHE B 237 -1.08 -29.24 -20.69
C PHE B 237 -1.51 -30.19 -19.59
N HIS B 238 -0.58 -30.59 -18.73
CA HIS B 238 -0.92 -31.39 -17.55
C HIS B 238 -1.14 -30.48 -16.36
N CYS B 239 -2.42 -30.31 -16.02
CA CYS B 239 -2.82 -29.47 -14.90
C CYS B 239 -2.82 -30.30 -13.63
N ALA B 240 -1.90 -29.96 -12.73
CA ALA B 240 -1.73 -30.71 -11.48
C ALA B 240 -1.88 -29.80 -10.28
N LEU B 241 -3.11 -29.48 -9.96
CA LEU B 241 -3.42 -28.79 -8.73
C LEU B 241 -3.53 -29.89 -7.68
N GLY B 242 -3.94 -29.54 -6.48
CA GLY B 242 -3.94 -30.53 -5.41
C GLY B 242 -4.86 -31.72 -5.66
N PRO B 243 -4.78 -32.75 -4.79
CA PRO B 243 -5.97 -33.59 -4.60
C PRO B 243 -6.98 -32.83 -3.74
N GLU B 244 -6.51 -31.73 -3.14
CA GLU B 244 -7.31 -30.95 -2.21
C GLU B 244 -8.41 -30.12 -2.87
N VAL B 245 -8.31 -29.90 -4.19
CA VAL B 245 -9.32 -29.13 -4.93
C VAL B 245 -9.96 -29.96 -6.04
N ALA B 246 -9.83 -31.28 -5.94
CA ALA B 246 -10.37 -32.21 -6.91
C ALA B 246 -11.87 -32.00 -7.18
N ASN B 247 -12.58 -31.34 -6.28
CA ASN B 247 -14.00 -31.11 -6.47
C ASN B 247 -14.38 -29.68 -6.81
N VAL B 248 -13.38 -28.86 -7.11
CA VAL B 248 -13.61 -27.50 -7.57
C VAL B 248 -13.52 -27.49 -9.08
N ALA B 249 -14.38 -26.70 -9.73
CA ALA B 249 -14.35 -26.57 -11.20
C ALA B 249 -12.99 -26.13 -11.65
N LYS B 250 -12.59 -26.68 -12.80
CA LYS B 250 -11.29 -26.38 -13.37
C LYS B 250 -11.45 -25.50 -14.59
N PHE B 251 -10.42 -24.72 -14.89
CA PHE B 251 -10.42 -23.97 -16.13
C PHE B 251 -9.02 -23.90 -16.74
N LEU B 252 -8.95 -23.93 -18.07
CA LEU B 252 -7.75 -23.53 -18.80
C LEU B 252 -8.10 -22.23 -19.50
N CYS B 253 -7.24 -21.23 -19.36
CA CYS B 253 -7.47 -19.93 -19.96
C CYS B 253 -6.16 -19.35 -20.45
N ARG B 254 -6.30 -18.37 -21.34
CA ARG B 254 -5.18 -17.73 -22.01
C ARG B 254 -5.03 -16.30 -21.49
N GLN B 255 -3.83 -15.95 -21.11
CA GLN B 255 -3.58 -14.63 -20.52
C GLN B 255 -3.59 -13.52 -21.58
N SER B 256 -4.09 -12.35 -21.19
CA SER B 256 -4.11 -11.16 -22.05
C SER B 256 -3.32 -10.01 -21.42
N ASN B 260 -6.72 -9.67 -18.08
CA ASN B 260 -7.78 -10.52 -18.60
C ASN B 260 -7.27 -11.92 -18.90
N CYS B 261 -8.02 -12.94 -18.51
CA CYS B 261 -7.64 -14.31 -18.78
C CYS B 261 -8.84 -15.07 -19.33
N ASP B 262 -8.95 -15.16 -20.65
CA ASP B 262 -10.15 -15.70 -21.29
C ASP B 262 -10.13 -17.22 -21.34
N VAL B 263 -11.19 -17.84 -20.82
CA VAL B 263 -11.23 -19.30 -20.77
C VAL B 263 -11.24 -19.98 -22.13
N VAL B 264 -10.26 -20.85 -22.32
CA VAL B 264 -10.20 -21.74 -23.46
C VAL B 264 -11.14 -22.92 -23.19
N VAL B 265 -11.11 -23.43 -21.95
CA VAL B 265 -11.92 -24.60 -21.56
C VAL B 265 -12.32 -24.63 -20.10
N ASN B 266 -13.46 -25.27 -19.85
CA ASN B 266 -14.12 -25.36 -18.55
C ASN B 266 -14.56 -26.76 -18.24
N THR B 267 -14.77 -27.03 -16.96
CA THR B 267 -15.56 -28.19 -16.57
C THR B 267 -17.05 -27.87 -16.38
N LEU B 268 -17.46 -26.65 -16.74
CA LEU B 268 -18.85 -26.22 -16.71
C LEU B 268 -19.40 -25.91 -18.12
N GLY B 269 -18.67 -26.35 -19.15
CA GLY B 269 -19.18 -26.30 -20.51
C GLY B 269 -18.55 -25.31 -21.48
N LYS B 270 -17.80 -24.33 -21.00
CA LYS B 270 -17.21 -23.37 -21.91
C LYS B 270 -16.15 -24.01 -22.75
N ARG B 271 -16.23 -23.72 -24.05
CA ARG B 271 -15.19 -24.08 -25.00
C ARG B 271 -15.08 -22.96 -26.00
N ALA B 272 -13.99 -22.21 -25.93
CA ALA B 272 -13.82 -21.00 -26.73
C ALA B 272 -13.86 -21.30 -28.24
N PRO B 273 -14.49 -20.41 -29.02
CA PRO B 273 -14.70 -20.63 -30.46
C PRO B 273 -13.44 -20.89 -31.28
N ALA B 274 -12.36 -20.15 -31.04
CA ALA B 274 -11.08 -20.39 -31.72
C ALA B 274 -10.62 -21.83 -31.60
N PHE B 275 -11.05 -22.52 -30.55
CA PHE B 275 -10.51 -23.85 -30.27
C PHE B 275 -11.52 -24.98 -30.57
N GLU B 276 -12.63 -24.59 -31.20
CA GLU B 276 -13.66 -25.53 -31.68
C GLU B 276 -13.07 -26.68 -32.48
N GLY B 277 -13.34 -27.91 -32.04
CA GLY B 277 -12.98 -29.08 -32.82
C GLY B 277 -11.54 -29.53 -32.68
N ARG B 278 -10.75 -28.81 -31.89
CA ARG B 278 -9.33 -29.13 -31.69
C ARG B 278 -8.85 -28.94 -30.25
N ILE B 279 -9.78 -29.04 -29.30
CA ILE B 279 -9.47 -28.97 -27.88
C ILE B 279 -10.07 -30.19 -27.20
N LEU B 280 -9.32 -30.80 -26.30
CA LEU B 280 -9.85 -31.95 -25.60
C LEU B 280 -9.52 -31.88 -24.11
N LEU B 281 -10.55 -31.98 -23.29
CA LEU B 281 -10.41 -31.96 -21.83
C LEU B 281 -10.52 -33.38 -21.31
N ASN B 282 -9.37 -33.98 -21.01
CA ASN B 282 -9.34 -35.34 -20.52
C ASN B 282 -9.81 -35.37 -19.06
N PRO B 283 -10.23 -36.55 -18.58
CA PRO B 283 -10.76 -36.63 -17.22
C PRO B 283 -9.63 -36.53 -16.18
N GLN B 284 -9.95 -36.29 -14.91
CA GLN B 284 -8.90 -36.00 -13.92
C GLN B 284 -8.57 -37.23 -13.03
N ASP B 285 -7.30 -37.31 -12.64
CA ASP B 285 -6.73 -38.40 -11.82
C ASP B 285 -7.35 -38.57 -10.45
N LYS B 286 -6.90 -39.63 -9.77
CA LYS B 286 -7.12 -39.82 -8.35
C LYS B 286 -6.28 -38.79 -7.56
N ASP B 287 -5.25 -38.25 -8.23
CA ASP B 287 -4.45 -37.14 -7.73
C ASP B 287 -5.08 -35.78 -7.98
N GLY B 288 -6.20 -35.76 -8.71
CA GLY B 288 -6.90 -34.53 -9.04
C GLY B 288 -6.30 -33.81 -10.24
N SER B 289 -5.24 -34.37 -10.78
CA SER B 289 -4.59 -33.80 -11.94
C SER B 289 -5.28 -34.23 -13.24
N PHE B 290 -5.27 -33.39 -14.25
CA PHE B 290 -5.92 -33.70 -15.51
C PHE B 290 -5.17 -33.03 -16.65
N SER B 291 -5.42 -33.44 -17.88
CA SER B 291 -4.72 -32.87 -19.02
C SER B 291 -5.66 -32.26 -20.03
N VAL B 292 -5.14 -31.29 -20.77
CA VAL B 292 -5.89 -30.63 -21.82
C VAL B 292 -5.01 -30.65 -23.06
N VAL B 293 -5.61 -31.09 -24.16
CA VAL B 293 -4.88 -31.25 -25.41
C VAL B 293 -5.38 -30.31 -26.48
N ILE B 294 -4.43 -29.61 -27.11
CA ILE B 294 -4.72 -28.71 -28.21
C ILE B 294 -4.00 -29.16 -29.47
N THR B 295 -4.78 -29.32 -30.54
CA THR B 295 -4.29 -29.78 -31.83
C THR B 295 -4.42 -28.70 -32.87
N GLY B 296 -3.71 -28.87 -33.98
CA GLY B 296 -3.79 -27.94 -35.09
C GLY B 296 -3.35 -26.55 -34.68
N LEU B 297 -2.17 -26.46 -34.06
CA LEU B 297 -1.74 -25.19 -33.50
C LEU B 297 -1.54 -24.10 -34.54
N ARG B 298 -2.10 -22.93 -34.24
CA ARG B 298 -1.95 -21.74 -35.04
C ARG B 298 -0.94 -20.85 -34.32
N LYS B 299 -0.24 -19.97 -35.05
CA LYS B 299 0.75 -19.11 -34.41
C LYS B 299 0.09 -18.28 -33.34
N GLU B 300 -1.09 -17.78 -33.66
CA GLU B 300 -1.93 -17.02 -32.73
C GLU B 300 -2.23 -17.77 -31.41
N ASP B 301 -2.10 -19.10 -31.41
CA ASP B 301 -2.33 -19.89 -30.19
C ASP B 301 -1.23 -19.73 -29.15
N ALA B 302 -0.12 -19.10 -29.51
CA ALA B 302 1.02 -19.02 -28.61
C ALA B 302 0.83 -17.88 -27.62
N GLY B 303 1.15 -18.13 -26.36
CA GLY B 303 1.04 -17.09 -25.34
C GLY B 303 1.17 -17.69 -23.96
N ARG B 304 0.67 -16.97 -22.95
CA ARG B 304 0.64 -17.48 -21.59
C ARG B 304 -0.68 -18.16 -21.31
N TYR B 305 -0.59 -19.36 -20.77
CA TYR B 305 -1.75 -20.15 -20.42
C TYR B 305 -1.73 -20.44 -18.93
N LEU B 306 -2.90 -20.29 -18.32
CA LEU B 306 -3.10 -20.65 -16.92
C LEU B 306 -4.12 -21.75 -16.82
N CYS B 307 -3.86 -22.72 -15.96
CA CYS B 307 -4.91 -23.64 -15.58
C CYS B 307 -5.14 -23.44 -14.09
N GLY B 308 -6.42 -23.45 -13.69
CA GLY B 308 -6.79 -23.11 -12.34
C GLY B 308 -8.05 -23.77 -11.81
N ALA B 309 -8.31 -23.51 -10.53
CA ALA B 309 -9.46 -24.04 -9.80
C ALA B 309 -10.28 -22.90 -9.23
N HIS B 310 -11.52 -22.81 -9.64
CA HIS B 310 -12.43 -21.89 -9.02
C HIS B 310 -13.86 -22.29 -9.36
N SER B 311 -14.74 -22.06 -8.40
CA SER B 311 -16.13 -22.53 -8.44
C SER B 311 -16.90 -22.04 -9.67
N ASP B 312 -16.42 -20.92 -10.17
CA ASP B 312 -17.00 -20.17 -11.27
C ASP B 312 -16.61 -20.70 -12.65
N GLY B 313 -15.68 -21.66 -12.69
CA GLY B 313 -15.07 -22.08 -13.94
C GLY B 313 -14.18 -20.97 -14.51
N GLN B 314 -13.83 -20.00 -13.69
CA GLN B 314 -13.02 -18.87 -14.14
C GLN B 314 -11.95 -18.39 -13.18
N LEU B 315 -10.94 -17.73 -13.74
CA LEU B 315 -9.90 -17.14 -12.92
C LEU B 315 -10.44 -16.01 -12.07
N GLN B 316 -10.11 -16.08 -10.79
CA GLN B 316 -10.49 -15.08 -9.82
C GLN B 316 -9.36 -14.97 -8.84
N GLU B 317 -9.32 -13.84 -8.11
CA GLU B 317 -8.44 -13.70 -6.97
C GLU B 317 -8.59 -14.93 -6.10
N GLY B 318 -7.49 -15.42 -5.55
CA GLY B 318 -7.56 -16.54 -4.63
C GLY B 318 -7.74 -17.90 -5.29
N SER B 319 -7.47 -18.00 -6.59
CA SER B 319 -7.53 -19.26 -7.28
C SER B 319 -6.16 -19.87 -7.30
N PRO B 320 -6.04 -21.15 -6.95
CA PRO B 320 -4.75 -21.77 -7.21
C PRO B 320 -4.62 -21.97 -8.72
N ILE B 321 -3.40 -21.81 -9.23
CA ILE B 321 -3.16 -21.82 -10.65
C ILE B 321 -1.79 -22.37 -11.02
N GLN B 322 -1.66 -22.72 -12.29
CA GLN B 322 -0.43 -23.29 -12.85
C GLN B 322 -0.25 -22.61 -14.21
N ALA B 323 1.00 -22.39 -14.63
CA ALA B 323 1.26 -21.54 -15.80
C ALA B 323 2.22 -22.18 -16.80
N TRP B 324 1.95 -21.87 -18.07
CA TRP B 324 2.79 -22.26 -19.19
C TRP B 324 3.01 -21.09 -20.14
N GLN B 325 4.16 -21.06 -20.80
CA GLN B 325 4.39 -20.16 -21.92
C GLN B 325 4.58 -21.01 -23.15
N LEU B 326 3.70 -20.80 -24.13
CA LEU B 326 3.68 -21.60 -25.35
C LEU B 326 4.36 -20.90 -26.50
N PHE B 327 5.18 -21.65 -27.23
CA PHE B 327 5.81 -21.15 -28.45
C PHE B 327 5.39 -22.06 -29.56
N VAL B 328 4.87 -21.44 -30.62
CA VAL B 328 4.47 -22.15 -31.84
C VAL B 328 5.34 -21.61 -32.97
N ASN B 329 6.23 -22.46 -33.47
CA ASN B 329 7.23 -22.03 -34.45
C ASN B 329 7.19 -22.80 -35.78
N GLU B 330 7.40 -22.09 -36.87
CA GLU B 330 7.50 -22.72 -38.19
C GLU B 330 8.67 -23.69 -38.21
N PRO B 335 14.66 -26.74 -42.87
CA PRO B 335 15.09 -28.12 -42.66
C PRO B 335 16.56 -28.22 -42.25
N ARG B 336 16.85 -28.98 -41.20
CA ARG B 336 18.21 -29.04 -40.64
C ARG B 336 18.43 -30.30 -39.79
N SER B 337 19.68 -30.77 -39.74
CA SER B 337 20.00 -32.00 -39.00
C SER B 337 20.65 -31.74 -37.65
N PRO B 338 20.47 -32.67 -36.70
CA PRO B 338 21.12 -32.40 -35.41
C PRO B 338 22.62 -32.62 -35.53
N THR B 339 23.43 -31.60 -35.31
CA THR B 339 24.87 -31.81 -35.24
C THR B 339 25.16 -32.86 -34.16
N VAL B 340 26.11 -33.76 -34.42
CA VAL B 340 26.38 -34.87 -33.50
C VAL B 340 27.77 -34.77 -32.87
N VAL B 341 27.82 -35.09 -31.58
CA VAL B 341 29.04 -35.04 -30.81
C VAL B 341 29.20 -36.34 -30.03
N LYS B 342 30.37 -36.94 -30.16
CA LYS B 342 30.66 -38.16 -29.45
C LYS B 342 31.62 -37.83 -28.32
N GLY B 343 31.36 -38.42 -27.16
CA GLY B 343 32.27 -38.30 -26.06
C GLY B 343 32.32 -39.63 -25.37
N VAL B 344 33.22 -39.77 -24.42
CA VAL B 344 33.34 -41.03 -23.69
C VAL B 344 33.34 -40.78 -22.19
N ALA B 345 32.85 -41.76 -21.45
CA ALA B 345 32.79 -41.68 -19.99
C ALA B 345 34.09 -41.16 -19.38
N GLY B 346 33.97 -40.43 -18.28
CA GLY B 346 35.11 -39.87 -17.58
C GLY B 346 35.82 -38.77 -18.35
N SER B 347 35.30 -38.42 -19.52
CA SER B 347 35.89 -37.38 -20.35
C SER B 347 34.89 -36.23 -20.51
N SER B 348 34.89 -35.58 -21.67
CA SER B 348 34.20 -34.34 -21.81
C SER B 348 33.88 -33.97 -23.25
N VAL B 349 33.01 -32.98 -23.41
CA VAL B 349 32.75 -32.37 -24.71
C VAL B 349 32.83 -30.84 -24.62
N ALA B 350 33.10 -30.26 -25.79
CA ALA B 350 33.15 -28.84 -26.02
C ALA B 350 32.28 -28.54 -27.22
N VAL B 351 31.03 -28.14 -26.96
CA VAL B 351 30.04 -27.97 -28.01
C VAL B 351 30.06 -26.56 -28.53
N LEU B 352 30.10 -26.43 -29.86
CA LEU B 352 30.00 -25.13 -30.49
C LEU B 352 28.54 -24.84 -30.77
N CYS B 353 28.09 -23.71 -30.23
CA CYS B 353 26.73 -23.24 -30.37
C CYS B 353 26.74 -21.95 -31.19
N PRO B 354 26.13 -21.97 -32.37
CA PRO B 354 26.11 -20.75 -33.18
C PRO B 354 24.93 -19.84 -32.90
N TYR B 355 25.21 -18.53 -32.90
CA TYR B 355 24.16 -17.53 -32.74
C TYR B 355 24.37 -16.38 -33.73
N ASN B 356 23.33 -15.58 -33.94
CA ASN B 356 23.37 -14.50 -34.92
C ASN B 356 24.25 -13.36 -34.41
N ARG B 357 25.28 -13.02 -35.19
CA ARG B 357 26.36 -12.11 -34.77
C ARG B 357 25.90 -10.92 -33.92
N LYS B 358 24.69 -10.45 -34.22
CA LYS B 358 24.13 -9.28 -33.54
C LYS B 358 23.43 -9.63 -32.23
N GLU B 359 22.94 -10.86 -32.11
CA GLU B 359 22.38 -11.33 -30.84
C GLU B 359 23.50 -11.71 -29.85
N SER B 360 24.63 -11.01 -29.95
CA SER B 360 25.82 -11.30 -29.15
C SER B 360 25.56 -10.94 -27.69
N LYS B 361 24.72 -9.93 -27.51
CA LYS B 361 24.45 -9.37 -26.20
C LYS B 361 23.28 -10.09 -25.52
N SER B 362 22.70 -11.08 -26.20
CA SER B 362 21.66 -11.91 -25.63
C SER B 362 22.13 -12.82 -24.51
N ILE B 363 21.16 -13.47 -23.88
CA ILE B 363 21.42 -14.54 -22.93
C ILE B 363 21.54 -15.83 -23.74
N LYS B 364 22.59 -16.59 -23.51
CA LYS B 364 22.75 -17.87 -24.17
C LYS B 364 22.27 -18.94 -23.21
N TYR B 365 21.71 -20.03 -23.76
CA TYR B 365 21.23 -21.14 -22.93
C TYR B 365 21.67 -22.45 -23.54
N TRP B 366 21.87 -23.43 -22.66
CA TRP B 366 22.10 -24.79 -23.10
C TRP B 366 21.05 -25.60 -22.40
N CYS B 367 20.21 -26.30 -23.16
CA CYS B 367 19.14 -27.04 -22.51
C CYS B 367 18.89 -28.43 -23.06
N LEU B 368 18.34 -29.29 -22.21
CA LEU B 368 18.01 -30.66 -22.58
C LEU B 368 16.60 -30.78 -23.20
N TRP B 369 16.53 -31.23 -24.45
CA TRP B 369 15.25 -31.38 -25.15
C TRP B 369 14.67 -32.80 -24.99
N GLU B 370 13.33 -32.90 -24.94
CA GLU B 370 12.65 -34.20 -24.70
C GLU B 370 11.71 -34.63 -25.84
N GLY B 371 11.87 -34.03 -27.01
CA GLY B 371 11.05 -34.39 -28.15
C GLY B 371 9.79 -33.56 -28.22
N ALA B 372 9.33 -33.29 -29.46
CA ALA B 372 8.26 -32.33 -29.71
C ALA B 372 7.00 -32.60 -28.90
N GLN B 373 6.70 -33.87 -28.65
CA GLN B 373 5.45 -34.18 -27.97
C GLN B 373 5.48 -33.64 -26.54
N ASN B 374 6.59 -33.86 -25.86
CA ASN B 374 6.81 -33.22 -24.57
C ASN B 374 6.80 -31.68 -24.64
N GLY B 375 7.64 -31.13 -25.50
CA GLY B 375 7.68 -29.69 -25.73
C GLY B 375 8.61 -28.94 -24.81
N ARG B 376 9.07 -29.59 -23.76
CA ARG B 376 9.82 -28.89 -22.74
C ARG B 376 11.31 -29.10 -22.92
N CYS B 377 12.06 -28.03 -22.68
CA CYS B 377 13.51 -28.06 -22.78
C CYS B 377 14.11 -27.46 -21.50
N PRO B 378 14.14 -28.25 -20.42
CA PRO B 378 14.64 -27.74 -19.14
C PRO B 378 16.08 -27.27 -19.19
N LEU B 379 16.33 -26.03 -18.75
CA LEU B 379 17.67 -25.45 -18.78
C LEU B 379 18.67 -26.15 -17.86
N LEU B 380 19.90 -26.21 -18.34
CA LEU B 380 21.02 -26.78 -17.60
C LEU B 380 21.98 -25.67 -17.23
N VAL B 381 22.16 -24.70 -18.11
CA VAL B 381 23.10 -23.63 -17.86
C VAL B 381 22.81 -22.46 -18.78
N ASP B 382 23.14 -21.25 -18.33
CA ASP B 382 23.05 -20.07 -19.18
C ASP B 382 24.27 -19.22 -19.03
N SER B 383 24.29 -18.12 -19.79
CA SER B 383 25.39 -17.18 -19.80
C SER B 383 25.30 -16.05 -18.76
N GLU B 384 24.46 -16.24 -17.75
CA GLU B 384 24.26 -15.23 -16.70
C GLU B 384 24.56 -15.79 -15.31
N GLY B 385 25.14 -16.97 -15.28
CA GLY B 385 25.70 -17.53 -14.06
C GLY B 385 24.86 -18.61 -13.43
N TRP B 386 23.76 -18.97 -14.08
CA TRP B 386 22.93 -20.02 -13.53
C TRP B 386 23.42 -21.39 -13.96
N VAL B 387 23.23 -22.37 -13.10
CA VAL B 387 23.50 -23.75 -13.43
C VAL B 387 22.56 -24.59 -12.63
N LYS B 388 22.04 -25.63 -13.24
CA LYS B 388 21.24 -26.60 -12.52
C LYS B 388 22.08 -27.22 -11.40
N ALA B 389 21.44 -27.58 -10.31
CA ALA B 389 22.12 -28.16 -9.15
C ALA B 389 22.94 -29.40 -9.54
N GLN B 390 22.31 -30.31 -10.26
CA GLN B 390 22.94 -31.54 -10.69
C GLN B 390 24.23 -31.33 -11.50
N TYR B 391 24.44 -30.11 -11.99
CA TYR B 391 25.56 -29.87 -12.90
C TYR B 391 26.65 -28.94 -12.37
N GLU B 392 26.61 -28.61 -11.10
CA GLU B 392 27.65 -27.79 -10.50
C GLU B 392 28.99 -28.54 -10.52
N GLY B 393 30.01 -27.92 -11.12
CA GLY B 393 31.34 -28.48 -11.11
C GLY B 393 31.64 -29.32 -12.34
N ARG B 394 30.70 -29.41 -13.28
CA ARG B 394 30.90 -30.20 -14.49
C ARG B 394 30.35 -29.55 -15.75
N LEU B 395 29.84 -28.32 -15.64
CA LEU B 395 29.18 -27.66 -16.77
C LEU B 395 29.46 -26.17 -16.76
N SER B 396 29.86 -25.64 -17.92
CA SER B 396 30.06 -24.20 -18.11
C SER B 396 29.73 -23.73 -19.54
N LEU B 397 29.39 -22.46 -19.66
CA LEU B 397 29.14 -21.81 -20.94
C LEU B 397 30.08 -20.64 -21.13
N LEU B 398 30.94 -20.73 -22.13
CA LEU B 398 31.95 -19.70 -22.33
C LEU B 398 31.53 -18.86 -23.51
N GLU B 399 31.85 -17.58 -23.46
CA GLU B 399 31.50 -16.73 -24.57
C GLU B 399 32.46 -16.96 -25.74
N GLU B 400 33.57 -17.64 -25.48
CA GLU B 400 34.53 -17.94 -26.54
C GLU B 400 34.03 -19.11 -27.37
N PRO B 401 34.37 -19.14 -28.68
CA PRO B 401 35.31 -18.24 -29.36
C PRO B 401 34.78 -16.83 -29.60
N GLY B 402 33.47 -16.66 -29.49
CA GLY B 402 32.86 -15.36 -29.62
C GLY B 402 32.54 -15.00 -31.06
N ASN B 403 32.00 -13.80 -31.24
CA ASN B 403 31.56 -13.30 -32.54
C ASN B 403 30.75 -14.33 -33.36
N GLY B 404 29.63 -14.76 -32.79
CA GLY B 404 28.70 -15.62 -33.48
C GLY B 404 28.72 -17.08 -33.05
N THR B 405 29.60 -17.40 -32.11
CA THR B 405 29.67 -18.76 -31.58
C THR B 405 30.03 -18.71 -30.11
N PHE B 406 29.43 -19.61 -29.33
CA PHE B 406 29.83 -19.77 -27.92
C PHE B 406 29.98 -21.27 -27.62
N THR B 407 30.78 -21.61 -26.60
CA THR B 407 31.05 -23.02 -26.30
C THR B 407 30.39 -23.49 -25.01
N VAL B 408 29.87 -24.71 -25.05
CA VAL B 408 29.41 -25.40 -23.84
C VAL B 408 30.36 -26.56 -23.48
N ILE B 409 30.97 -26.46 -22.30
CA ILE B 409 31.84 -27.50 -21.81
C ILE B 409 31.11 -28.35 -20.81
N LEU B 410 30.98 -29.64 -21.15
CA LEU B 410 30.37 -30.60 -20.22
C LEU B 410 31.38 -31.73 -20.01
N ASN B 411 31.72 -32.01 -18.76
CA ASN B 411 32.67 -33.05 -18.46
C ASN B 411 32.17 -33.98 -17.36
N GLN B 412 33.00 -34.93 -16.95
CA GLN B 412 32.60 -36.04 -16.11
C GLN B 412 31.45 -36.79 -16.75
N LEU B 413 31.60 -37.12 -18.02
CA LEU B 413 30.51 -37.70 -18.80
C LEU B 413 30.13 -39.10 -18.33
N THR B 414 28.88 -39.46 -18.59
CA THR B 414 28.41 -40.83 -18.42
C THR B 414 27.42 -41.16 -19.54
N SER B 415 26.94 -42.41 -19.56
CA SER B 415 25.94 -42.83 -20.55
C SER B 415 24.67 -42.02 -20.38
N ARG B 416 24.39 -41.62 -19.14
CA ARG B 416 23.22 -40.83 -18.81
C ARG B 416 23.10 -39.60 -19.70
N ASP B 417 24.24 -38.99 -19.99
CA ASP B 417 24.29 -37.71 -20.68
C ASP B 417 24.01 -37.84 -22.18
N ALA B 418 23.88 -39.07 -22.67
CA ALA B 418 23.49 -39.28 -24.07
C ALA B 418 22.10 -38.70 -24.26
N GLY B 419 21.92 -37.90 -25.31
CA GLY B 419 20.61 -37.27 -25.52
C GLY B 419 20.65 -36.00 -26.36
N PHE B 420 19.49 -35.35 -26.50
CA PHE B 420 19.38 -34.23 -27.42
C PHE B 420 19.27 -32.88 -26.70
N TYR B 421 20.03 -31.90 -27.17
CA TYR B 421 20.17 -30.62 -26.51
C TYR B 421 19.91 -29.46 -27.46
N TRP B 422 19.47 -28.33 -26.93
CA TRP B 422 19.42 -27.11 -27.71
C TRP B 422 20.46 -26.10 -27.25
N CYS B 423 21.14 -25.51 -28.23
CA CYS B 423 21.78 -24.21 -28.07
C CYS B 423 20.66 -23.18 -28.20
N LEU B 424 20.57 -22.23 -27.27
CA LEU B 424 19.51 -21.21 -27.34
C LEU B 424 19.97 -19.78 -27.08
N THR B 425 19.24 -18.83 -27.64
CA THR B 425 19.52 -17.40 -27.41
C THR B 425 18.21 -16.62 -27.21
N ASN B 426 18.09 -15.44 -27.81
CA ASN B 426 16.86 -14.66 -27.82
C ASN B 426 16.63 -13.98 -29.17
N ARG B 432 16.71 -23.80 -31.28
CA ARG B 432 17.34 -23.07 -32.37
C ARG B 432 18.39 -23.97 -33.05
N THR B 433 19.35 -24.48 -32.28
CA THR B 433 20.31 -25.46 -32.79
C THR B 433 20.32 -26.72 -31.93
N THR B 434 19.94 -27.82 -32.56
CA THR B 434 19.86 -29.09 -31.87
C THR B 434 21.21 -29.82 -31.98
N VAL B 435 21.62 -30.42 -30.87
CA VAL B 435 22.89 -31.13 -30.78
C VAL B 435 22.64 -32.47 -30.12
N GLU B 436 23.05 -33.54 -30.78
CA GLU B 436 22.92 -34.84 -30.19
C GLU B 436 24.24 -35.28 -29.58
N ILE B 437 24.20 -35.62 -28.30
CA ILE B 437 25.36 -36.17 -27.64
C ILE B 437 25.22 -37.67 -27.57
N LYS B 438 26.26 -38.32 -28.10
CA LYS B 438 26.42 -39.76 -28.10
C LYS B 438 27.61 -40.12 -27.21
N ILE B 439 27.43 -41.18 -26.43
CA ILE B 439 28.48 -41.68 -25.59
C ILE B 439 28.98 -43.00 -26.15
N ILE B 440 30.25 -43.02 -26.53
CA ILE B 440 30.86 -44.18 -27.17
C ILE B 440 31.92 -44.79 -26.26
N GLU B 441 32.23 -46.07 -26.49
CA GLU B 441 33.32 -46.73 -25.79
C GLU B 441 34.62 -46.02 -26.12
N GLY B 442 35.38 -45.72 -25.07
CA GLY B 442 36.68 -45.09 -25.22
C GLY B 442 37.19 -44.69 -23.86
N GLU B 443 38.22 -43.84 -23.82
CA GLU B 443 38.71 -43.33 -22.55
C GLU B 443 39.21 -41.90 -22.66
N PRO B 444 39.26 -41.21 -21.52
CA PRO B 444 39.73 -39.83 -21.53
C PRO B 444 41.23 -39.71 -21.78
N ASN B 445 41.58 -38.86 -22.74
CA ASN B 445 42.96 -38.53 -23.00
C ASN B 445 43.67 -37.89 -21.79
N LEU B 446 43.05 -36.88 -21.19
CA LEU B 446 43.62 -36.29 -19.97
C LEU B 446 43.45 -37.22 -18.80
N LYS B 447 44.38 -37.11 -17.84
CA LYS B 447 44.42 -38.03 -16.72
C LYS B 447 44.73 -37.30 -15.42
N VAL B 448 43.83 -37.49 -14.47
CA VAL B 448 43.74 -36.68 -13.27
C VAL B 448 43.31 -37.64 -12.17
N PRO B 449 43.77 -37.41 -10.94
CA PRO B 449 43.18 -38.26 -9.89
C PRO B 449 41.71 -37.92 -9.60
N GLY B 450 40.94 -38.93 -9.24
CA GLY B 450 39.54 -38.72 -8.90
C GLY B 450 39.38 -38.10 -7.52
N ASN B 451 39.60 -38.91 -6.49
CA ASN B 451 39.30 -38.49 -5.13
C ASN B 451 40.50 -37.91 -4.37
N VAL B 452 40.74 -36.62 -4.59
CA VAL B 452 41.85 -35.90 -3.95
C VAL B 452 41.40 -35.20 -2.67
N THR B 453 42.25 -35.23 -1.66
CA THR B 453 41.98 -34.60 -0.36
C THR B 453 43.17 -33.80 0.15
N ALA B 454 43.09 -32.49 0.06
CA ALA B 454 44.13 -31.63 0.61
C ALA B 454 44.06 -31.62 2.13
N VAL B 455 44.94 -30.81 2.73
CA VAL B 455 45.03 -30.67 4.18
C VAL B 455 45.32 -29.22 4.51
N LEU B 456 44.59 -28.72 5.50
CA LEU B 456 44.63 -27.32 5.86
C LEU B 456 46.03 -26.84 6.12
N GLY B 457 46.30 -25.58 5.78
CA GLY B 457 47.60 -24.96 6.03
C GLY B 457 48.75 -25.49 5.19
N GLU B 458 48.64 -26.73 4.73
CA GLU B 458 49.66 -27.34 3.88
C GLU B 458 49.54 -26.95 2.44
N THR B 459 50.62 -27.23 1.70
CA THR B 459 50.64 -27.07 0.26
C THR B 459 50.24 -28.37 -0.42
N LEU B 460 49.52 -28.25 -1.54
CA LEU B 460 49.16 -29.42 -2.34
C LEU B 460 49.66 -29.27 -3.78
N LYS B 461 49.95 -30.41 -4.40
CA LYS B 461 50.21 -30.43 -5.84
C LYS B 461 49.35 -31.50 -6.45
N VAL B 462 48.78 -31.20 -7.61
CA VAL B 462 47.87 -32.10 -8.27
C VAL B 462 48.34 -32.28 -9.70
N PRO B 463 48.52 -33.53 -10.13
CA PRO B 463 49.03 -33.72 -11.48
C PRO B 463 47.90 -33.77 -12.50
N CYS B 464 48.16 -33.27 -13.69
CA CYS B 464 47.36 -33.62 -14.86
C CYS B 464 48.29 -34.03 -15.98
N HIS B 465 48.00 -35.16 -16.60
CA HIS B 465 48.83 -35.70 -17.68
C HIS B 465 48.24 -35.41 -19.06
N PHE B 466 49.06 -34.85 -19.94
CA PHE B 466 48.66 -34.55 -21.31
C PHE B 466 49.38 -35.46 -22.31
N PRO B 467 48.60 -36.14 -23.17
CA PRO B 467 49.20 -36.93 -24.24
C PRO B 467 50.02 -36.08 -25.18
N CYS B 468 50.54 -36.73 -26.22
CA CYS B 468 51.34 -36.07 -27.24
C CYS B 468 50.43 -35.28 -28.14
N LYS B 469 49.22 -35.83 -28.35
CA LYS B 469 48.15 -35.14 -29.10
C LYS B 469 48.06 -33.67 -28.71
N PHE B 470 48.22 -33.37 -27.42
CA PHE B 470 47.94 -32.05 -26.88
C PHE B 470 49.21 -31.23 -26.65
N SER B 471 50.29 -31.57 -27.32
CA SER B 471 51.56 -30.94 -26.99
C SER B 471 51.57 -29.50 -27.48
N SER B 472 51.04 -29.28 -28.68
CA SER B 472 51.03 -27.94 -29.26
C SER B 472 49.81 -27.13 -28.82
N TYR B 473 48.98 -27.73 -27.95
CA TYR B 473 47.82 -27.06 -27.36
C TYR B 473 48.21 -26.28 -26.12
N GLU B 474 47.44 -25.25 -25.77
CA GLU B 474 47.62 -24.58 -24.48
C GLU B 474 46.96 -25.42 -23.42
N LYS B 475 47.61 -25.48 -22.26
CA LYS B 475 47.18 -26.33 -21.16
C LYS B 475 46.90 -25.43 -19.98
N TYR B 476 45.80 -25.70 -19.27
CA TYR B 476 45.43 -24.87 -18.13
C TYR B 476 44.86 -25.69 -16.98
N TRP B 477 44.99 -25.11 -15.79
CA TRP B 477 44.24 -25.51 -14.60
C TRP B 477 43.32 -24.37 -14.18
N CYS B 478 42.15 -24.72 -13.65
CA CYS B 478 41.30 -23.68 -13.10
C CYS B 478 40.36 -24.24 -12.07
N LYS B 479 39.86 -23.34 -11.22
CA LYS B 479 38.81 -23.70 -10.27
C LYS B 479 37.46 -23.33 -10.88
N TRP B 480 36.48 -24.21 -10.69
CA TRP B 480 35.16 -24.00 -11.24
C TRP B 480 34.32 -23.05 -10.39
N ASN B 481 33.82 -22.01 -11.06
CA ASN B 481 32.84 -21.05 -10.53
C ASN B 481 31.57 -21.18 -11.34
N ASN B 482 30.47 -20.59 -10.89
CA ASN B 482 29.25 -20.68 -11.70
C ASN B 482 29.24 -19.52 -12.70
N THR B 483 30.11 -18.54 -12.52
CA THR B 483 30.28 -17.45 -13.49
C THR B 483 31.41 -17.70 -14.49
N GLY B 484 32.30 -18.63 -14.18
CA GLY B 484 33.35 -18.96 -15.11
C GLY B 484 34.54 -19.61 -14.45
N CYS B 485 35.16 -20.53 -15.17
CA CYS B 485 36.33 -21.19 -14.64
C CYS B 485 37.53 -20.22 -14.67
N GLN B 486 38.09 -19.90 -13.51
CA GLN B 486 39.22 -18.96 -13.42
C GLN B 486 40.61 -19.65 -13.38
N ALA B 487 41.48 -19.29 -14.32
CA ALA B 487 42.77 -19.97 -14.50
C ALA B 487 43.74 -19.67 -13.36
N LEU B 488 44.57 -20.66 -13.02
CA LEU B 488 45.47 -20.54 -11.89
C LEU B 488 46.91 -20.85 -12.30
N PRO B 489 47.89 -20.34 -11.51
CA PRO B 489 49.31 -20.69 -11.71
C PRO B 489 49.57 -22.19 -11.55
N SER B 490 49.92 -22.80 -12.67
CA SER B 490 50.33 -24.19 -12.71
C SER B 490 51.79 -24.27 -13.12
N GLN B 491 52.37 -25.44 -12.87
CA GLN B 491 53.76 -25.71 -13.24
C GLN B 491 53.88 -26.83 -14.26
N ASP B 492 54.57 -26.54 -15.35
CA ASP B 492 55.02 -27.57 -16.26
C ASP B 492 56.10 -28.41 -15.58
N GLU B 493 55.89 -29.72 -15.49
CA GLU B 493 56.87 -30.61 -14.84
C GLU B 493 57.48 -31.61 -15.82
N GLY B 494 57.74 -31.16 -17.03
CA GLY B 494 58.32 -32.02 -18.05
C GLY B 494 57.40 -33.14 -18.46
N PRO B 495 57.80 -33.90 -19.49
CA PRO B 495 56.99 -34.97 -20.08
C PRO B 495 56.48 -36.02 -19.10
N SER B 496 55.65 -36.91 -19.63
CA SER B 496 55.08 -37.97 -18.85
C SER B 496 55.08 -39.23 -19.70
N LYS B 497 55.33 -40.37 -19.07
CA LYS B 497 55.19 -41.66 -19.73
C LYS B 497 53.99 -42.33 -19.08
N ALA B 498 52.82 -41.98 -19.58
CA ALA B 498 51.56 -42.53 -19.12
C ALA B 498 50.73 -42.96 -20.32
N PHE B 499 51.33 -42.82 -21.50
CA PHE B 499 50.64 -43.05 -22.75
C PHE B 499 51.41 -43.99 -23.68
N VAL B 500 50.71 -44.55 -24.65
CA VAL B 500 51.31 -45.43 -25.66
C VAL B 500 51.62 -44.63 -26.93
N ASN B 501 52.74 -44.97 -27.57
CA ASN B 501 53.20 -44.23 -28.74
C ASN B 501 53.36 -42.74 -28.38
N CYS B 502 53.83 -42.52 -27.15
CA CYS B 502 54.01 -41.17 -26.61
C CYS B 502 55.08 -41.18 -25.53
N ASP B 503 56.05 -40.30 -25.66
CA ASP B 503 57.06 -40.17 -24.61
C ASP B 503 57.54 -38.72 -24.46
N GLU B 504 58.22 -38.18 -25.47
CA GLU B 504 58.89 -36.88 -25.34
C GLU B 504 57.91 -35.71 -25.57
N ASN B 505 56.84 -35.96 -26.32
CA ASN B 505 55.90 -34.91 -26.70
C ASN B 505 54.76 -34.75 -25.68
N SER B 506 54.47 -35.81 -24.93
CA SER B 506 53.48 -35.76 -23.86
C SER B 506 53.94 -34.83 -22.75
N ARG B 507 53.14 -34.69 -21.70
CA ARG B 507 53.42 -33.70 -20.65
C ARG B 507 52.73 -33.93 -19.30
N LEU B 508 53.27 -33.30 -18.26
CA LEU B 508 52.63 -33.28 -16.97
C LEU B 508 52.56 -31.86 -16.47
N VAL B 509 51.35 -31.37 -16.21
CA VAL B 509 51.19 -30.04 -15.67
C VAL B 509 50.54 -30.19 -14.33
N SER B 510 51.10 -29.50 -13.35
CA SER B 510 50.69 -29.64 -11.97
C SER B 510 50.02 -28.37 -11.48
N LEU B 511 48.95 -28.55 -10.73
CA LEU B 511 48.30 -27.45 -10.03
C LEU B 511 48.89 -27.40 -8.64
N THR B 512 49.32 -26.23 -8.20
CA THR B 512 49.90 -26.09 -6.87
C THR B 512 49.14 -25.10 -5.95
N LEU B 513 48.71 -25.60 -4.80
CA LEU B 513 47.95 -24.82 -3.81
C LEU B 513 48.80 -24.57 -2.57
N ASN B 514 49.40 -23.38 -2.48
CA ASN B 514 50.48 -23.10 -1.53
C ASN B 514 50.09 -23.15 -0.05
N LEU B 515 48.99 -22.53 0.35
CA LEU B 515 48.54 -22.59 1.74
C LEU B 515 47.05 -22.84 1.80
N VAL B 516 46.69 -24.12 1.81
CA VAL B 516 45.31 -24.55 1.68
C VAL B 516 44.43 -23.99 2.80
N THR B 517 43.42 -23.20 2.39
CA THR B 517 42.39 -22.74 3.31
C THR B 517 41.13 -23.59 3.08
N ARG B 518 40.11 -23.41 3.90
CA ARG B 518 38.89 -24.21 3.79
C ARG B 518 38.17 -23.85 2.50
N ALA B 519 38.32 -22.58 2.12
CA ALA B 519 37.70 -22.03 0.93
C ALA B 519 38.40 -22.46 -0.36
N ASP B 520 39.49 -23.20 -0.25
CA ASP B 520 40.20 -23.68 -1.42
C ASP B 520 39.59 -25.01 -1.85
N GLU B 521 38.59 -25.47 -1.10
CA GLU B 521 37.86 -26.70 -1.42
C GLU B 521 36.96 -26.52 -2.66
N GLY B 522 36.72 -27.63 -3.37
CA GLY B 522 35.80 -27.64 -4.50
C GLY B 522 36.31 -28.24 -5.79
N TRP B 523 35.71 -27.83 -6.90
CA TRP B 523 35.98 -28.44 -8.21
C TRP B 523 37.08 -27.72 -8.93
N TYR B 524 38.02 -28.53 -9.43
CA TYR B 524 39.12 -28.05 -10.23
C TYR B 524 39.10 -28.78 -11.57
N TRP B 525 39.32 -28.01 -12.63
CA TRP B 525 39.38 -28.56 -13.97
C TRP B 525 40.76 -28.38 -14.52
N CYS B 526 41.24 -29.48 -15.07
CA CYS B 526 42.40 -29.51 -15.91
C CYS B 526 41.87 -29.46 -17.32
N GLY B 527 42.45 -28.62 -18.18
CA GLY B 527 41.97 -28.59 -19.55
C GLY B 527 42.93 -28.09 -20.59
N VAL B 528 42.46 -28.15 -21.83
CA VAL B 528 43.25 -27.81 -22.99
C VAL B 528 42.50 -26.98 -24.02
N LYS B 529 43.24 -26.09 -24.68
CA LYS B 529 42.61 -25.14 -25.60
C LYS B 529 43.60 -24.71 -26.70
N GLN B 530 43.02 -24.25 -27.81
CA GLN B 530 43.79 -23.70 -28.93
C GLN B 530 43.32 -22.30 -29.23
N GLY B 531 44.03 -21.30 -28.73
CA GLY B 531 43.55 -19.93 -28.82
C GLY B 531 42.24 -19.77 -28.09
N HIS B 532 41.21 -19.33 -28.82
CA HIS B 532 39.87 -19.11 -28.27
C HIS B 532 39.01 -20.37 -28.30
N PHE B 533 39.54 -21.44 -28.86
CA PHE B 533 38.79 -22.67 -29.03
C PHE B 533 39.18 -23.70 -27.98
N TYR B 534 38.26 -23.93 -27.06
CA TYR B 534 38.46 -24.82 -25.92
C TYR B 534 38.23 -26.27 -26.32
N GLY B 535 38.89 -27.17 -25.59
CA GLY B 535 38.77 -28.59 -25.82
C GLY B 535 38.48 -29.43 -24.60
N GLU B 536 39.16 -30.57 -24.54
CA GLU B 536 38.89 -31.57 -23.54
C GLU B 536 39.19 -31.02 -22.15
N THR B 537 38.44 -31.48 -21.16
CA THR B 537 38.65 -31.07 -19.79
C THR B 537 38.46 -32.30 -18.90
N ALA B 538 39.06 -32.25 -17.72
CA ALA B 538 38.97 -33.34 -16.75
C ALA B 538 38.83 -32.65 -15.42
N ALA B 539 38.07 -33.28 -14.52
CA ALA B 539 37.70 -32.60 -13.29
C ALA B 539 38.04 -33.43 -12.07
N VAL B 540 38.45 -32.75 -11.03
CA VAL B 540 38.73 -33.39 -9.76
C VAL B 540 38.22 -32.48 -8.65
N TYR B 541 37.55 -33.09 -7.68
CA TYR B 541 37.13 -32.39 -6.48
C TYR B 541 38.26 -32.47 -5.47
N VAL B 542 38.69 -31.30 -5.02
CA VAL B 542 39.69 -31.17 -3.97
C VAL B 542 39.01 -30.89 -2.64
N ALA B 543 39.15 -31.83 -1.71
CA ALA B 543 38.58 -31.71 -0.36
C ALA B 543 39.59 -31.10 0.62
N VAL B 544 39.10 -30.64 1.77
CA VAL B 544 39.97 -30.07 2.78
C VAL B 544 39.66 -30.68 4.14
N GLU B 545 40.66 -31.41 4.66
CA GLU B 545 40.66 -31.94 6.02
C GLU B 545 41.78 -31.22 6.78
N GLU B 546 42.17 -31.71 7.96
CA GLU B 546 43.13 -30.98 8.79
C GLU B 546 44.16 -31.81 9.58
N ARG B 547 43.87 -33.09 9.81
CA ARG B 547 44.75 -33.95 10.64
C ARG B 547 45.90 -34.63 9.89
N GLY B 548 45.58 -35.66 9.12
CA GLY B 548 46.56 -36.44 8.40
C GLY B 548 45.93 -37.77 8.03
N SER B 549 46.46 -38.43 7.01
CA SER B 549 46.05 -39.80 6.70
C SER B 549 46.65 -40.79 7.70
#